data_4E6X
#
_entry.id   4E6X
#
_cell.length_a   105.050
_cell.length_b   152.530
_cell.length_c   86.890
_cell.angle_alpha   90.00
_cell.angle_beta   123.43
_cell.angle_gamma   90.00
#
_symmetry.space_group_name_H-M   'C 1 2 1'
#
loop_
_entity.id
_entity.type
_entity.pdbx_description
1 polymer 'ClbP peptidase'
2 non-polymer 'PHOSPHATE ION'
3 non-polymer '({[(chloromethyl)sulfonyl]amino}methyl)boronic acid'
4 water water
#
_entity_poly.entity_id   1
_entity_poly.type   'polypeptide(L)'
_entity_poly.pdbx_seq_one_letter_code
;ERLSTLIHQRMQEAKVPALSVSVTIKGVRQRFVYGVADVASQKANTLDTVYELGSMSKAFTGLVVQILIQEGRLRQGDDI
ITYLPEMRLNYQGKPASLTVADFLYHTSGLPFSTLARLENPMPGSAVAQQLRNENLLFAPGAKFSYASANYDVLGAVIEN
VTGKTFTEVIAERLTQPLGMSATVAVKGDEIIVNKASGYKLGFGKPVLFHAPLARNHVPAAYIHSTLPDMEIWIDAWLHR
KALPATLREAMSNSWRGNSDVPLAADNRILYASGWFIDQNQGPYISHGGQNPNFSSCIALRPDQQIGIVALANMNSNLIL
QLCADIDNYLRIGKYA
;
_entity_poly.pdbx_strand_id   A,B,C
#
loop_
_chem_comp.id
_chem_comp.type
_chem_comp.name
_chem_comp.formula
0NG non-polymer '({[(chloromethyl)sulfonyl]amino}methyl)boronic acid' 'C2 H7 B Cl N O4 S'
PO4 non-polymer 'PHOSPHATE ION' 'O4 P -3'
#
# COMPACT_ATOMS: atom_id res chain seq x y z
N GLU A 1 -41.94 -2.08 -1.23
CA GLU A 1 -41.97 -3.07 -2.36
C GLU A 1 -40.60 -3.51 -2.97
N ARG A 2 -39.56 -2.69 -2.78
CA ARG A 2 -38.29 -2.89 -3.47
C ARG A 2 -37.09 -3.15 -2.53
N LEU A 3 -36.13 -3.94 -2.98
CA LEU A 3 -34.99 -4.29 -2.13
C LEU A 3 -34.18 -3.04 -1.69
N SER A 4 -33.95 -2.11 -2.60
CA SER A 4 -33.29 -0.84 -2.27
C SER A 4 -34.09 0.05 -1.31
N THR A 5 -35.40 -0.02 -1.33
CA THR A 5 -36.17 0.68 -0.32
C THR A 5 -36.01 0.02 1.05
N LEU A 6 -35.98 -1.28 1.11
CA LEU A 6 -35.78 -1.93 2.38
C LEU A 6 -34.45 -1.56 3.00
N ILE A 7 -33.39 -1.69 2.21
CA ILE A 7 -32.07 -1.41 2.68
C ILE A 7 -31.81 0.01 3.07
N HIS A 8 -32.29 0.94 2.26
CA HIS A 8 -32.13 2.34 2.54
C HIS A 8 -32.98 2.76 3.77
N GLN A 9 -34.18 2.21 3.91
CA GLN A 9 -35.00 2.46 5.08
C GLN A 9 -34.37 1.95 6.37
N ARG A 10 -33.81 0.74 6.34
CA ARG A 10 -33.12 0.22 7.50
C ARG A 10 -31.89 1.08 7.83
N MET A 11 -31.17 1.51 6.81
CA MET A 11 -30.01 2.34 7.06
C MET A 11 -30.39 3.61 7.84
N GLN A 12 -31.43 4.32 7.42
CA GLN A 12 -31.89 5.51 8.12
C GLN A 12 -32.39 5.27 9.53
N GLU A 13 -33.17 4.22 9.68
CA GLU A 13 -33.76 3.89 10.96
C GLU A 13 -32.63 3.53 11.95
N ALA A 14 -31.56 2.92 11.45
CA ALA A 14 -30.46 2.51 12.29
C ALA A 14 -29.44 3.61 12.50
N LYS A 15 -29.48 4.66 11.68
CA LYS A 15 -28.61 5.83 11.86
C LYS A 15 -27.14 5.55 11.64
N VAL A 16 -26.85 4.49 10.89
CA VAL A 16 -25.48 4.17 10.50
C VAL A 16 -25.01 5.07 9.38
N PRO A 17 -23.84 5.70 9.55
CA PRO A 17 -23.36 6.62 8.53
C PRO A 17 -23.11 5.94 7.20
N ALA A 18 -22.48 4.78 7.20
CA ALA A 18 -22.26 4.05 5.94
C ALA A 18 -22.86 2.65 6.05
N LEU A 19 -23.41 2.15 4.94
CA LEU A 19 -23.91 0.76 4.86
C LEU A 19 -23.58 0.10 3.53
N SER A 20 -22.86 -1.00 3.59
CA SER A 20 -22.65 -1.76 2.36
C SER A 20 -23.30 -3.13 2.48
N VAL A 21 -24.09 -3.48 1.48
CA VAL A 21 -24.83 -4.75 1.46
C VAL A 21 -24.61 -5.44 0.11
N SER A 22 -24.40 -6.75 0.16
CA SER A 22 -24.33 -7.50 -1.07
C SER A 22 -25.28 -8.70 -0.97
N VAL A 23 -26.05 -8.94 -2.01
CA VAL A 23 -27.05 -10.00 -2.01
C VAL A 23 -26.87 -10.81 -3.27
N THR A 24 -26.72 -12.12 -3.12
CA THR A 24 -26.67 -12.97 -4.27
C THR A 24 -27.71 -14.09 -4.20
N ILE A 25 -28.29 -14.38 -5.36
CA ILE A 25 -29.34 -15.39 -5.46
C ILE A 25 -29.30 -16.01 -6.84
N LYS A 26 -29.15 -17.33 -6.89
CA LYS A 26 -29.11 -18.07 -8.15
C LYS A 26 -28.09 -17.52 -9.14
N GLY A 27 -26.99 -17.02 -8.60
CA GLY A 27 -25.87 -16.52 -9.38
C GLY A 27 -26.06 -15.11 -9.91
N VAL A 28 -27.11 -14.42 -9.45
CA VAL A 28 -27.33 -13.01 -9.77
C VAL A 28 -27.03 -12.21 -8.50
N ARG A 29 -26.18 -11.20 -8.60
CA ARG A 29 -25.77 -10.45 -7.42
C ARG A 29 -25.96 -8.94 -7.54
N GLN A 30 -26.47 -8.32 -6.48
CA GLN A 30 -26.57 -6.86 -6.47
C GLN A 30 -25.91 -6.27 -5.24
N ARG A 31 -25.35 -5.08 -5.42
CA ARG A 31 -24.65 -4.35 -4.34
C ARG A 31 -25.44 -3.11 -3.91
N PHE A 32 -25.52 -2.85 -2.63
CA PHE A 32 -26.12 -1.62 -2.19
C PHE A 32 -25.14 -0.84 -1.31
N VAL A 33 -24.53 0.21 -1.85
CA VAL A 33 -23.53 0.98 -1.12
C VAL A 33 -23.99 2.39 -0.81
N TYR A 34 -24.26 2.64 0.43
CA TYR A 34 -24.85 3.87 0.84
C TYR A 34 -24.12 4.66 1.91
N GLY A 35 -24.17 5.96 1.83
CA GLY A 35 -23.65 6.79 2.91
C GLY A 35 -22.22 7.26 2.90
N VAL A 36 -21.73 7.60 4.06
CA VAL A 36 -20.37 8.11 4.14
C VAL A 36 -19.46 7.31 5.07
N ALA A 37 -18.29 6.94 4.57
CA ALA A 37 -17.28 6.29 5.42
C ALA A 37 -16.68 7.19 6.50
N ASP A 38 -16.62 8.49 6.23
CA ASP A 38 -16.17 9.44 7.25
C ASP A 38 -17.04 10.68 7.17
N VAL A 39 -17.73 11.00 8.25
CA VAL A 39 -18.70 12.10 8.26
C VAL A 39 -17.98 13.45 8.09
N ALA A 40 -17.07 13.76 9.00
CA ALA A 40 -16.44 15.06 8.99
C ALA A 40 -15.74 15.32 7.66
N SER A 41 -15.13 14.28 7.08
CA SER A 41 -14.43 14.49 5.82
C SER A 41 -15.27 14.22 4.60
N GLN A 42 -16.53 13.84 4.81
CA GLN A 42 -17.45 13.60 3.70
C GLN A 42 -16.85 12.59 2.72
N LYS A 43 -16.15 11.61 3.24
CA LYS A 43 -15.60 10.63 2.36
C LYS A 43 -16.65 9.59 2.14
N ALA A 44 -17.01 9.40 0.89
CA ALA A 44 -18.06 8.49 0.55
C ALA A 44 -17.67 7.08 0.83
N ASN A 45 -18.68 6.28 1.17
CA ASN A 45 -18.49 4.89 1.35
C ASN A 45 -18.39 4.37 -0.06
N THR A 46 -17.28 3.74 -0.38
CA THR A 46 -17.04 3.18 -1.71
C THR A 46 -16.86 1.65 -1.58
N LEU A 47 -16.73 0.94 -2.69
CA LEU A 47 -16.46 -0.50 -2.66
C LEU A 47 -15.17 -0.83 -1.91
N ASP A 48 -14.21 0.11 -1.95
CA ASP A 48 -12.94 -0.03 -1.24
C ASP A 48 -12.96 0.18 0.28
N THR A 49 -14.04 0.76 0.79
CA THR A 49 -14.13 1.02 2.24
C THR A 49 -13.94 -0.23 3.11
N VAL A 50 -13.06 -0.16 4.08
CA VAL A 50 -12.71 -1.32 4.90
C VAL A 50 -13.52 -1.33 6.20
N TYR A 51 -14.15 -2.46 6.53
CA TYR A 51 -14.93 -2.60 7.76
C TYR A 51 -14.33 -3.61 8.72
N GLU A 52 -14.65 -3.47 10.02
CA GLU A 52 -14.36 -4.49 11.03
C GLU A 52 -15.48 -5.52 11.01
N LEU A 53 -15.13 -6.78 10.99
CA LEU A 53 -16.10 -7.86 10.95
C LEU A 53 -16.76 -8.19 12.27
N GLY A 54 -16.13 -7.84 13.35
CA GLY A 54 -16.60 -8.26 14.62
C GLY A 54 -16.64 -9.78 14.72
N SER A 55 -17.72 -10.29 15.21
CA SER A 55 -17.85 -11.68 15.51
C SER A 55 -17.88 -12.48 14.23
N MET A 56 -17.95 -11.82 13.11
CA MET A 56 -17.95 -12.55 11.85
C MET A 56 -16.53 -12.96 11.48
N SER A 57 -15.56 -12.54 12.31
CA SER A 57 -14.17 -12.97 12.25
C SER A 57 -14.20 -14.41 12.74
N LYS A 58 -15.18 -14.77 13.56
CA LYS A 58 -15.08 -16.09 14.16
C LYS A 58 -15.20 -17.21 13.13
N ALA A 59 -15.90 -16.96 12.02
CA ALA A 59 -15.98 -17.93 10.94
C ALA A 59 -14.64 -18.19 10.27
N PHE A 60 -13.78 -17.16 10.22
CA PHE A 60 -12.44 -17.29 9.66
C PHE A 60 -11.60 -18.16 10.61
N THR A 61 -11.52 -17.74 11.86
CA THR A 61 -10.88 -18.52 12.89
C THR A 61 -11.35 -19.98 12.96
N GLY A 62 -12.66 -20.18 12.86
CA GLY A 62 -13.28 -21.49 12.93
C GLY A 62 -12.88 -22.33 11.71
N LEU A 63 -12.84 -21.74 10.52
CA LEU A 63 -12.49 -22.51 9.34
C LEU A 63 -11.03 -23.01 9.42
N VAL A 64 -10.14 -22.19 9.99
CA VAL A 64 -8.72 -22.54 10.08
C VAL A 64 -8.52 -23.66 11.06
N VAL A 65 -9.25 -23.63 12.16
CA VAL A 65 -9.20 -24.68 13.12
C VAL A 65 -9.66 -25.97 12.45
N GLN A 66 -10.67 -25.89 11.64
CA GLN A 66 -11.17 -27.01 10.87
C GLN A 66 -10.19 -27.56 9.83
N ILE A 67 -9.48 -26.69 9.16
CA ILE A 67 -8.41 -27.08 8.24
C ILE A 67 -7.30 -27.85 8.93
N LEU A 68 -6.90 -27.37 10.08
CA LEU A 68 -5.92 -28.03 10.90
C LEU A 68 -6.33 -29.38 11.41
N ILE A 69 -7.57 -29.53 11.82
CA ILE A 69 -8.16 -30.83 12.12
C ILE A 69 -8.18 -31.72 10.87
N GLN A 70 -8.59 -31.17 9.75
CA GLN A 70 -8.68 -31.96 8.52
C GLN A 70 -7.28 -32.48 8.11
N GLU A 71 -6.23 -31.83 8.61
CA GLU A 71 -4.86 -32.15 8.22
C GLU A 71 -4.28 -33.13 9.23
N GLY A 72 -4.94 -33.25 10.37
CA GLY A 72 -4.47 -34.09 11.45
C GLY A 72 -3.55 -33.39 12.43
N ARG A 73 -3.45 -32.09 12.35
CA ARG A 73 -2.63 -31.40 13.29
C ARG A 73 -3.32 -31.08 14.58
N LEU A 74 -4.61 -31.37 14.65
CA LEU A 74 -5.45 -31.07 15.80
C LEU A 74 -6.67 -31.98 15.87
N ARG A 75 -7.28 -32.08 17.03
CA ARG A 75 -8.55 -32.72 17.15
C ARG A 75 -9.41 -31.90 18.08
N GLN A 76 -10.71 -31.96 17.89
CA GLN A 76 -11.63 -31.27 18.76
C GLN A 76 -11.55 -31.83 20.13
N GLY A 77 -11.34 -33.12 20.21
CA GLY A 77 -11.20 -33.74 21.52
C GLY A 77 -9.96 -33.34 22.30
N ASP A 78 -8.97 -32.68 21.67
CA ASP A 78 -7.71 -32.41 22.37
C ASP A 78 -7.93 -31.51 23.56
N ASP A 79 -7.29 -31.87 24.68
CA ASP A 79 -7.26 -31.07 25.90
C ASP A 79 -6.60 -29.75 25.59
N ILE A 80 -7.11 -28.67 26.18
CA ILE A 80 -6.60 -27.33 25.83
C ILE A 80 -5.19 -27.07 26.40
N ILE A 81 -4.91 -27.74 27.51
CA ILE A 81 -3.68 -27.62 28.28
C ILE A 81 -2.43 -27.90 27.45
N THR A 82 -2.56 -28.73 26.44
CA THR A 82 -1.45 -29.11 25.58
C THR A 82 -0.99 -27.93 24.73
N TYR A 83 -1.94 -27.05 24.44
CA TYR A 83 -1.71 -25.90 23.58
C TYR A 83 -1.61 -24.60 24.35
N LEU A 84 -2.27 -24.53 25.50
CA LEU A 84 -2.19 -23.38 26.38
C LEU A 84 -1.90 -23.88 27.80
N PRO A 85 -0.66 -24.13 28.10
CA PRO A 85 -0.29 -24.81 29.34
C PRO A 85 -0.69 -24.00 30.53
N GLU A 86 -0.54 -22.69 30.39
CA GLU A 86 -0.74 -21.72 31.45
C GLU A 86 -2.13 -21.59 31.99
N MET A 87 -3.09 -21.65 31.11
CA MET A 87 -4.42 -21.34 31.49
C MET A 87 -5.12 -22.55 32.05
N ARG A 88 -5.25 -22.53 33.37
CA ARG A 88 -6.03 -23.49 34.12
C ARG A 88 -7.25 -22.71 34.60
N LEU A 89 -8.39 -23.38 34.66
CA LEU A 89 -9.66 -22.74 34.98
C LEU A 89 -10.43 -23.51 36.04
N ASN A 90 -11.27 -22.80 36.78
CA ASN A 90 -11.96 -23.37 37.94
C ASN A 90 -13.48 -23.45 37.74
N TYR A 91 -14.07 -24.42 38.46
CA TYR A 91 -15.52 -24.59 38.53
C TYR A 91 -15.78 -25.12 39.94
N GLN A 92 -16.77 -24.57 40.64
CA GLN A 92 -16.97 -24.93 42.05
C GLN A 92 -15.62 -24.61 42.67
N GLY A 93 -15.01 -25.62 43.28
CA GLY A 93 -13.65 -25.55 43.74
C GLY A 93 -12.64 -26.31 42.90
N LYS A 94 -13.19 -27.09 41.95
CA LYS A 94 -12.37 -28.00 41.18
C LYS A 94 -11.89 -27.54 39.83
N PRO A 95 -10.57 -27.68 39.65
CA PRO A 95 -9.86 -27.30 38.43
C PRO A 95 -10.51 -28.11 37.37
N ALA A 96 -11.01 -27.35 36.35
CA ALA A 96 -11.74 -27.88 35.21
C ALA A 96 -10.98 -28.42 33.97
N SER A 97 -11.65 -29.31 33.28
CA SER A 97 -11.15 -29.90 32.05
C SER A 97 -11.82 -29.29 30.81
N LEU A 98 -11.02 -28.96 29.80
CA LEU A 98 -11.49 -28.17 28.66
C LEU A 98 -10.84 -28.67 27.40
N THR A 99 -11.63 -28.69 26.33
CA THR A 99 -11.19 -29.19 25.04
C THR A 99 -11.27 -28.09 23.99
N VAL A 100 -10.64 -28.31 22.85
CA VAL A 100 -10.79 -27.39 21.78
C VAL A 100 -12.27 -27.15 21.46
N ALA A 101 -13.07 -28.23 21.45
CA ALA A 101 -14.47 -28.15 21.09
C ALA A 101 -15.16 -27.17 22.03
N ASP A 102 -14.81 -27.21 23.31
CA ASP A 102 -15.50 -26.37 24.25
C ASP A 102 -15.40 -24.92 23.81
N PHE A 103 -14.27 -24.52 23.26
CA PHE A 103 -14.11 -23.22 22.65
C PHE A 103 -14.79 -22.94 21.32
N LEU A 104 -14.75 -23.90 20.42
CA LEU A 104 -15.40 -23.76 19.13
C LEU A 104 -16.91 -23.59 19.27
N TYR A 105 -17.51 -24.31 20.14
CA TYR A 105 -18.92 -24.39 20.29
C TYR A 105 -19.48 -23.54 21.41
N HIS A 106 -18.66 -22.71 21.98
CA HIS A 106 -19.03 -21.96 23.15
C HIS A 106 -19.64 -22.77 24.27
N THR A 107 -18.98 -23.85 24.68
CA THR A 107 -19.45 -24.54 25.87
C THR A 107 -18.40 -24.54 26.98
N SER A 108 -17.61 -23.46 27.08
CA SER A 108 -16.45 -23.46 27.97
C SER A 108 -16.87 -23.01 29.36
N GLY A 109 -17.81 -22.08 29.39
CA GLY A 109 -18.26 -21.49 30.64
C GLY A 109 -17.34 -20.40 31.14
N LEU A 110 -16.58 -19.78 30.23
CA LEU A 110 -15.75 -18.62 30.57
C LEU A 110 -16.57 -17.44 31.10
N PRO A 111 -16.21 -16.94 32.29
CA PRO A 111 -17.01 -15.84 32.85
C PRO A 111 -16.74 -14.55 32.09
N LEU A 131 -5.97 -15.79 31.58
CA LEU A 131 -7.25 -16.42 31.94
C LEU A 131 -7.13 -17.54 32.99
N ARG A 132 -6.04 -17.53 33.76
CA ARG A 132 -5.85 -18.46 34.87
C ARG A 132 -6.59 -18.07 36.13
N ASN A 133 -6.75 -19.04 37.03
CA ASN A 133 -7.32 -18.79 38.33
C ASN A 133 -8.73 -18.26 38.18
N GLU A 134 -9.38 -18.66 37.08
CA GLU A 134 -10.75 -18.27 36.90
C GLU A 134 -11.87 -19.29 37.09
N ASN A 135 -12.99 -18.79 37.58
CA ASN A 135 -14.18 -19.62 37.75
C ASN A 135 -15.10 -19.67 36.52
N LEU A 136 -15.42 -20.90 36.11
CA LEU A 136 -16.37 -21.15 35.04
C LEU A 136 -17.82 -21.01 35.50
N LEU A 137 -18.65 -20.43 34.65
CA LEU A 137 -20.10 -20.33 34.89
C LEU A 137 -20.85 -21.66 35.02
N PHE A 138 -20.25 -22.74 34.53
CA PHE A 138 -20.88 -24.06 34.52
C PHE A 138 -19.83 -25.05 34.07
N ALA A 139 -20.08 -26.34 34.25
CA ALA A 139 -19.11 -27.35 33.82
C ALA A 139 -18.96 -27.30 32.31
N PRO A 140 -17.76 -27.39 31.81
CA PRO A 140 -17.57 -27.35 30.39
C PRO A 140 -18.34 -28.45 29.70
N GLY A 141 -18.89 -28.09 28.57
CA GLY A 141 -19.76 -28.96 27.82
C GLY A 141 -21.20 -28.91 28.26
N ALA A 142 -21.48 -28.28 29.40
CA ALA A 142 -22.82 -28.37 29.98
C ALA A 142 -23.87 -27.58 29.23
N LYS A 143 -23.50 -26.43 28.66
CA LYS A 143 -24.47 -25.51 28.05
C LYS A 143 -23.80 -24.70 26.96
N PHE A 144 -24.61 -24.15 26.04
CA PHE A 144 -24.13 -23.16 25.09
C PHE A 144 -24.25 -21.82 25.80
N SER A 145 -23.16 -21.06 25.81
CA SER A 145 -23.17 -19.69 26.27
C SER A 145 -22.15 -18.87 25.51
N TYR A 146 -22.65 -18.02 24.63
CA TYR A 146 -21.78 -17.27 23.74
C TYR A 146 -20.73 -16.41 24.50
N ALA A 147 -19.45 -16.69 24.28
CA ALA A 147 -18.42 -15.88 24.87
C ALA A 147 -17.38 -15.59 23.82
N SER A 148 -17.32 -14.33 23.43
CA SER A 148 -16.38 -13.94 22.38
C SER A 148 -14.97 -14.43 22.65
N ALA A 149 -14.52 -14.35 23.90
CA ALA A 149 -13.20 -14.85 24.32
C ALA A 149 -12.88 -16.28 23.88
N ASN A 150 -13.91 -17.10 23.63
CA ASN A 150 -13.67 -18.49 23.24
C ASN A 150 -12.82 -18.60 21.99
N TYR A 151 -12.98 -17.62 21.10
CA TYR A 151 -12.29 -17.64 19.81
C TYR A 151 -10.92 -16.93 19.83
N ASP A 152 -10.64 -16.21 20.92
CA ASP A 152 -9.26 -15.69 21.12
C ASP A 152 -8.47 -16.88 21.59
N VAL A 153 -9.07 -17.72 22.46
CA VAL A 153 -8.44 -18.99 22.82
C VAL A 153 -8.05 -19.80 21.59
N LEU A 154 -8.95 -19.93 20.62
CA LEU A 154 -8.61 -20.69 19.43
C LEU A 154 -7.60 -19.94 18.57
N GLY A 155 -7.51 -18.62 18.73
CA GLY A 155 -6.47 -17.84 18.04
C GLY A 155 -5.11 -18.30 18.55
N ALA A 156 -4.95 -18.32 19.86
CA ALA A 156 -3.78 -18.90 20.52
C ALA A 156 -3.52 -20.31 20.01
N VAL A 157 -4.55 -21.17 20.04
CA VAL A 157 -4.36 -22.56 19.67
C VAL A 157 -3.78 -22.62 18.28
N ILE A 158 -4.30 -21.79 17.38
CA ILE A 158 -3.84 -21.81 16.01
C ILE A 158 -2.38 -21.33 15.91
N GLU A 159 -1.95 -20.56 16.91
CA GLU A 159 -0.60 -20.06 16.96
C GLU A 159 0.33 -21.13 17.51
N ASN A 160 -0.11 -21.80 18.56
CA ASN A 160 0.69 -22.85 19.19
C ASN A 160 0.94 -23.99 18.23
N VAL A 161 -0.05 -24.30 17.42
CA VAL A 161 0.00 -25.33 16.42
C VAL A 161 0.87 -25.09 15.19
N THR A 162 0.74 -23.93 14.60
CA THR A 162 1.49 -23.57 13.43
C THR A 162 2.83 -22.92 13.74
N GLY A 163 3.04 -22.50 14.96
CA GLY A 163 4.21 -21.77 15.33
C GLY A 163 4.27 -20.47 14.59
N LYS A 164 3.14 -19.98 14.14
CA LYS A 164 3.06 -18.81 13.32
C LYS A 164 2.13 -17.83 13.96
N THR A 165 2.09 -16.62 13.46
CA THR A 165 1.13 -15.66 13.99
C THR A 165 -0.25 -15.86 13.35
N PHE A 166 -1.29 -15.55 14.12
CA PHE A 166 -2.66 -15.69 13.62
C PHE A 166 -2.75 -15.03 12.26
N THR A 167 -2.18 -13.83 12.19
CA THR A 167 -2.23 -13.03 10.97
C THR A 167 -1.64 -13.76 9.77
N GLU A 168 -0.54 -14.46 10.01
CA GLU A 168 0.12 -15.23 8.94
C GLU A 168 -0.76 -16.41 8.55
N VAL A 169 -1.23 -17.18 9.53
CA VAL A 169 -2.10 -18.31 9.21
C VAL A 169 -3.33 -17.92 8.42
N ILE A 170 -3.99 -16.84 8.82
CA ILE A 170 -5.16 -16.37 8.11
C ILE A 170 -4.79 -16.05 6.67
N ALA A 171 -3.66 -15.37 6.48
CA ALA A 171 -3.27 -14.97 5.13
C ALA A 171 -2.81 -16.18 4.33
N GLU A 172 -1.98 -17.01 4.97
CA GLU A 172 -1.52 -18.24 4.33
C GLU A 172 -2.66 -19.23 4.03
N ARG A 173 -3.45 -19.56 5.02
CA ARG A 173 -4.52 -20.54 4.85
C ARG A 173 -5.74 -20.15 4.06
N LEU A 174 -6.20 -18.91 4.25
CA LEU A 174 -7.49 -18.48 3.72
C LEU A 174 -7.51 -17.33 2.71
N THR A 175 -6.94 -16.17 3.05
CA THR A 175 -7.06 -15.03 2.17
C THR A 175 -6.28 -15.06 0.87
N GLN A 176 -5.04 -15.49 0.92
CA GLN A 176 -4.26 -15.60 -0.28
C GLN A 176 -4.77 -16.63 -1.29
N PRO A 177 -5.07 -17.83 -0.84
CA PRO A 177 -5.65 -18.88 -1.69
C PRO A 177 -6.99 -18.45 -2.25
N LEU A 178 -7.80 -17.77 -1.44
CA LEU A 178 -9.10 -17.30 -1.93
C LEU A 178 -9.02 -15.97 -2.67
N GLY A 179 -7.88 -15.32 -2.66
CA GLY A 179 -7.74 -14.06 -3.33
C GLY A 179 -8.41 -12.89 -2.70
N MET A 180 -8.60 -12.94 -1.40
CA MET A 180 -9.14 -11.84 -0.64
C MET A 180 -8.04 -10.89 -0.17
N SER A 181 -7.59 -10.03 -1.08
CA SER A 181 -6.46 -9.12 -0.91
C SER A 181 -6.61 -8.01 0.12
N ALA A 182 -7.81 -7.52 0.26
CA ALA A 182 -8.07 -6.48 1.25
C ALA A 182 -8.59 -7.01 2.61
N THR A 183 -8.41 -8.30 2.87
CA THR A 183 -8.87 -8.88 4.12
C THR A 183 -7.70 -9.16 5.02
N VAL A 184 -7.73 -8.64 6.25
CA VAL A 184 -6.58 -8.81 7.11
C VAL A 184 -6.85 -9.02 8.60
N ALA A 185 -6.23 -10.02 9.18
CA ALA A 185 -6.32 -10.16 10.61
C ALA A 185 -5.17 -9.35 11.12
N VAL A 186 -5.50 -8.32 11.89
CA VAL A 186 -4.50 -7.39 12.30
C VAL A 186 -3.89 -7.65 13.63
N LYS A 187 -2.56 -7.72 13.67
CA LYS A 187 -1.81 -7.98 14.90
C LYS A 187 -2.06 -6.92 15.98
N ILE A 191 -2.08 1.12 11.15
CA ILE A 191 -3.39 1.50 10.65
C ILE A 191 -3.55 1.32 9.15
N ILE A 192 -4.77 1.00 8.75
CA ILE A 192 -5.11 0.60 7.41
C ILE A 192 -5.81 1.70 6.71
N VAL A 193 -5.30 2.16 5.60
CA VAL A 193 -6.00 3.16 4.85
C VAL A 193 -7.31 2.54 4.39
N ASN A 194 -8.25 3.39 4.05
CA ASN A 194 -9.51 2.91 3.51
C ASN A 194 -10.36 2.28 4.60
N LYS A 195 -9.96 2.39 5.86
CA LYS A 195 -10.85 1.91 6.90
C LYS A 195 -11.78 3.01 7.36
N ALA A 196 -13.06 2.75 7.29
CA ALA A 196 -14.05 3.74 7.60
C ALA A 196 -13.94 4.07 9.03
N SER A 197 -14.37 5.26 9.37
CA SER A 197 -14.42 5.70 10.74
C SER A 197 -15.46 4.89 11.51
N GLY A 198 -15.24 4.71 12.79
CA GLY A 198 -16.21 4.00 13.62
C GLY A 198 -16.97 4.94 14.53
N TYR A 199 -18.28 4.78 14.56
CA TYR A 199 -19.14 5.71 15.27
C TYR A 199 -19.94 4.97 16.33
N LYS A 200 -20.25 5.64 17.43
CA LYS A 200 -21.05 5.06 18.49
C LYS A 200 -22.36 5.84 18.44
N LEU A 201 -23.30 5.48 19.30
CA LEU A 201 -24.61 6.13 19.28
C LEU A 201 -25.02 6.54 20.68
N GLY A 202 -25.32 7.83 20.84
CA GLY A 202 -25.92 8.36 22.04
C GLY A 202 -27.18 9.10 21.64
N PHE A 203 -27.28 10.37 22.01
CA PHE A 203 -28.35 11.22 21.51
C PHE A 203 -28.18 11.34 20.01
N GLY A 204 -26.92 11.58 19.66
CA GLY A 204 -26.39 11.78 18.34
C GLY A 204 -25.05 11.06 18.33
N LYS A 205 -24.54 10.74 17.14
CA LYS A 205 -23.34 9.89 16.90
C LYS A 205 -21.97 10.48 17.06
N PRO A 206 -21.28 10.03 18.14
CA PRO A 206 -19.93 10.50 18.46
C PRO A 206 -18.89 9.54 17.93
N VAL A 207 -17.85 10.06 17.31
CA VAL A 207 -16.77 9.23 16.85
C VAL A 207 -16.06 8.57 18.03
N LEU A 208 -15.78 7.29 17.84
CA LEU A 208 -14.98 6.46 18.74
C LEU A 208 -13.72 5.88 18.06
N PHE A 209 -13.58 6.16 16.77
CA PHE A 209 -12.44 5.70 15.97
C PHE A 209 -11.13 6.42 16.32
N ALA A 214 -6.17 -3.86 20.35
CA ALA A 214 -6.53 -5.13 20.97
C ALA A 214 -6.04 -6.32 20.12
N ARG A 215 -4.80 -6.73 20.41
CA ARG A 215 -4.13 -7.92 19.84
C ARG A 215 -4.59 -9.35 20.23
N ASN A 216 -4.80 -9.62 21.51
CA ASN A 216 -5.31 -10.91 21.93
CA ASN A 216 -5.32 -10.81 21.93
C ASN A 216 -6.70 -11.15 21.42
N HIS A 217 -7.46 -10.10 21.09
CA HIS A 217 -8.85 -10.26 20.66
C HIS A 217 -9.15 -10.28 19.15
N VAL A 218 -8.12 -10.25 18.31
CA VAL A 218 -8.34 -10.24 16.87
C VAL A 218 -9.10 -11.46 16.27
N PRO A 219 -8.83 -12.69 16.78
CA PRO A 219 -9.48 -13.88 16.22
C PRO A 219 -11.00 -13.92 16.43
N ALA A 220 -11.42 -13.46 17.57
CA ALA A 220 -12.82 -13.25 17.88
C ALA A 220 -13.52 -12.09 17.21
N ALA A 221 -12.81 -10.98 17.04
CA ALA A 221 -13.46 -9.78 16.57
C ALA A 221 -12.78 -8.84 15.64
N TYR A 222 -11.53 -9.08 15.29
CA TYR A 222 -10.83 -8.04 14.55
C TYR A 222 -10.23 -8.31 13.20
N ILE A 223 -10.91 -9.11 12.41
CA ILE A 223 -10.59 -9.30 11.05
C ILE A 223 -11.25 -8.13 10.42
N HIS A 224 -10.59 -7.50 9.46
CA HIS A 224 -11.12 -6.38 8.70
C HIS A 224 -11.30 -6.80 7.25
N SER A 225 -12.35 -6.35 6.58
CA SER A 225 -12.54 -6.77 5.19
C SER A 225 -13.26 -5.68 4.42
N THR A 226 -13.57 -5.95 3.16
CA THR A 226 -14.37 -5.04 2.32
C THR A 226 -15.56 -5.84 1.78
N LEU A 227 -16.51 -5.15 1.18
CA LEU A 227 -17.67 -5.84 0.63
C LEU A 227 -17.30 -6.83 -0.49
N PRO A 228 -16.56 -6.39 -1.53
CA PRO A 228 -16.13 -7.34 -2.57
C PRO A 228 -15.38 -8.58 -2.04
N ASP A 229 -14.54 -8.39 -1.04
CA ASP A 229 -13.89 -9.52 -0.39
C ASP A 229 -14.82 -10.44 0.38
N MET A 230 -15.86 -9.91 1.01
CA MET A 230 -16.84 -10.70 1.71
C MET A 230 -17.74 -11.49 0.73
N GLU A 231 -17.96 -10.94 -0.45
CA GLU A 231 -18.60 -11.63 -1.57
C GLU A 231 -17.78 -12.84 -2.02
N ILE A 232 -16.47 -12.65 -2.08
CA ILE A 232 -15.60 -13.75 -2.47
C ILE A 232 -15.76 -14.85 -1.44
N TRP A 233 -15.83 -14.47 -0.17
CA TRP A 233 -15.86 -15.44 0.90
C TRP A 233 -17.19 -16.22 0.84
N ILE A 234 -18.25 -15.49 0.49
CA ILE A 234 -19.59 -16.04 0.41
C ILE A 234 -19.59 -17.01 -0.74
N ASP A 235 -19.03 -16.60 -1.87
CA ASP A 235 -18.89 -17.48 -3.04
C ASP A 235 -18.11 -18.77 -2.83
N ALA A 236 -17.07 -18.73 -2.01
CA ALA A 236 -16.29 -19.93 -1.71
C ALA A 236 -17.14 -20.93 -0.89
N TRP A 237 -17.89 -20.40 0.08
CA TRP A 237 -18.81 -21.21 0.86
C TRP A 237 -20.00 -21.79 0.07
N LEU A 238 -20.51 -21.01 -0.88
CA LEU A 238 -21.59 -21.43 -1.78
C LEU A 238 -21.13 -22.41 -2.86
N HIS A 239 -19.86 -22.39 -3.24
CA HIS A 239 -19.31 -23.34 -4.21
C HIS A 239 -18.21 -24.20 -3.60
N ARG A 240 -18.37 -24.48 -2.31
CA ARG A 240 -17.38 -25.24 -1.55
C ARG A 240 -17.11 -26.66 -2.04
N LYS A 241 -17.97 -27.18 -2.92
CA LYS A 241 -17.83 -28.51 -3.52
C LYS A 241 -16.82 -28.50 -4.65
N ALA A 242 -16.39 -27.31 -5.06
CA ALA A 242 -15.50 -27.17 -6.20
C ALA A 242 -14.16 -26.55 -5.80
N LEU A 243 -13.88 -26.45 -4.50
CA LEU A 243 -12.55 -26.02 -4.01
C LEU A 243 -11.65 -27.24 -3.75
N PRO A 244 -10.40 -26.99 -3.44
CA PRO A 244 -9.45 -28.07 -3.17
C PRO A 244 -9.98 -28.83 -1.97
N ALA A 245 -9.79 -30.17 -2.02
CA ALA A 245 -10.42 -31.01 -1.01
C ALA A 245 -10.19 -30.59 0.42
N THR A 246 -8.98 -30.14 0.74
CA THR A 246 -8.68 -29.81 2.12
C THR A 246 -9.62 -28.74 2.65
N LEU A 247 -9.76 -27.66 1.90
CA LEU A 247 -10.67 -26.55 2.20
C LEU A 247 -12.12 -27.03 2.20
N ARG A 248 -12.49 -27.74 1.17
CA ARG A 248 -13.84 -28.20 1.03
C ARG A 248 -14.31 -29.06 2.17
N GLU A 249 -13.52 -30.02 2.60
CA GLU A 249 -13.91 -30.90 3.72
C GLU A 249 -13.90 -30.14 5.04
N ALA A 250 -13.06 -29.11 5.14
CA ALA A 250 -13.04 -28.29 6.34
C ALA A 250 -14.28 -27.36 6.39
N MET A 251 -14.67 -26.80 5.26
CA MET A 251 -15.91 -26.06 5.16
C MET A 251 -17.11 -26.93 5.60
N SER A 252 -17.27 -28.12 5.02
CA SER A 252 -18.35 -29.03 5.50
C SER A 252 -18.34 -29.17 6.99
N ASN A 253 -17.18 -29.49 7.57
CA ASN A 253 -17.13 -29.71 9.01
C ASN A 253 -17.41 -28.44 9.80
N SER A 254 -17.16 -27.32 9.14
CA SER A 254 -17.38 -26.00 9.78
C SER A 254 -18.86 -25.70 10.00
N TRP A 255 -19.72 -26.35 9.22
CA TRP A 255 -21.15 -26.17 9.28
C TRP A 255 -21.86 -27.23 10.13
N ARG A 256 -21.10 -28.18 10.67
CA ARG A 256 -21.65 -29.12 11.63
C ARG A 256 -21.95 -28.45 12.99
N GLY A 257 -23.22 -28.26 13.33
CA GLY A 257 -23.54 -27.66 14.60
C GLY A 257 -23.38 -28.65 15.76
N ASN A 258 -23.05 -28.10 16.94
CA ASN A 258 -22.94 -28.92 18.15
C ASN A 258 -24.33 -29.14 18.73
N SER A 259 -24.81 -30.38 18.69
CA SER A 259 -26.08 -30.66 19.31
C SER A 259 -26.09 -31.09 20.76
N ASP A 260 -24.92 -31.36 21.34
CA ASP A 260 -24.92 -31.88 22.70
C ASP A 260 -24.98 -30.76 23.73
N VAL A 261 -25.93 -29.85 23.58
CA VAL A 261 -26.26 -28.82 24.55
C VAL A 261 -27.78 -28.70 24.78
N PRO A 262 -28.21 -28.23 25.94
CA PRO A 262 -29.61 -27.91 26.16
C PRO A 262 -30.06 -26.85 25.16
N LEU A 263 -31.30 -26.99 24.66
CA LEU A 263 -31.86 -26.03 23.76
C LEU A 263 -33.02 -25.42 24.49
N ALA A 264 -33.28 -24.15 24.24
CA ALA A 264 -34.45 -23.50 24.87
C ALA A 264 -35.73 -23.80 24.10
N ALA A 265 -36.87 -23.63 24.77
CA ALA A 265 -38.20 -23.90 24.17
C ALA A 265 -38.42 -23.18 22.83
N ASP A 266 -37.85 -22.00 22.69
CA ASP A 266 -38.05 -21.22 21.46
C ASP A 266 -36.75 -21.06 20.67
N ASN A 267 -35.71 -21.78 21.03
CA ASN A 267 -34.49 -21.77 20.26
C ASN A 267 -33.78 -23.11 20.22
N ARG A 268 -33.81 -23.80 19.10
CA ARG A 268 -33.08 -25.05 18.95
C ARG A 268 -32.00 -24.93 17.89
N ILE A 269 -31.66 -23.71 17.53
CA ILE A 269 -30.52 -23.45 16.65
C ILE A 269 -29.22 -23.95 17.28
N LEU A 270 -28.31 -24.46 16.43
CA LEU A 270 -27.01 -24.96 16.89
C LEU A 270 -25.85 -24.02 16.54
N TYR A 271 -24.79 -24.09 17.31
CA TYR A 271 -23.59 -23.37 16.98
C TYR A 271 -22.56 -24.34 16.37
N ALA A 272 -22.05 -23.98 15.21
CA ALA A 272 -21.00 -24.70 14.55
C ALA A 272 -19.71 -23.88 14.60
N SER A 273 -18.81 -24.06 13.65
CA SER A 273 -17.55 -23.34 13.79
C SER A 273 -17.68 -21.88 13.33
N GLY A 274 -18.17 -21.02 14.24
CA GLY A 274 -18.29 -19.59 13.94
C GLY A 274 -19.46 -19.25 13.05
N TRP A 275 -20.49 -20.09 13.13
CA TRP A 275 -21.77 -19.92 12.41
C TRP A 275 -22.92 -20.49 13.26
N PHE A 276 -24.11 -19.89 13.12
CA PHE A 276 -25.35 -20.36 13.76
C PHE A 276 -25.95 -21.23 12.64
N ILE A 277 -26.46 -22.42 12.97
CA ILE A 277 -27.09 -23.29 11.95
C ILE A 277 -28.52 -23.59 12.29
N ASP A 278 -29.39 -23.26 11.37
CA ASP A 278 -30.83 -23.27 11.62
C ASP A 278 -31.43 -24.07 10.45
N GLN A 279 -32.25 -25.08 10.76
CA GLN A 279 -32.85 -25.92 9.76
C GLN A 279 -34.18 -25.34 9.31
N ASN A 280 -34.79 -24.45 10.10
CA ASN A 280 -36.12 -23.91 9.76
C ASN A 280 -36.04 -23.06 8.52
N GLN A 281 -36.84 -23.41 7.52
CA GLN A 281 -36.72 -22.86 6.16
C GLN A 281 -35.27 -22.81 5.78
N GLY A 282 -34.54 -23.86 6.15
CA GLY A 282 -33.09 -23.83 6.00
C GLY A 282 -32.61 -24.95 5.12
N PRO A 283 -31.32 -25.31 5.23
CA PRO A 283 -30.33 -24.71 6.12
C PRO A 283 -30.14 -23.22 5.90
N TYR A 284 -30.15 -22.51 7.00
CA TYR A 284 -29.92 -21.09 7.00
C TYR A 284 -28.81 -20.90 7.97
N ILE A 285 -27.69 -20.52 7.39
CA ILE A 285 -26.45 -20.37 8.07
C ILE A 285 -25.97 -18.94 8.27
N SER A 286 -25.82 -18.51 9.52
CA SER A 286 -25.57 -17.11 9.75
C SER A 286 -24.68 -16.73 10.94
N HIS A 287 -24.37 -15.44 11.01
CA HIS A 287 -23.68 -14.88 12.14
C HIS A 287 -23.76 -13.34 12.08
N GLY A 288 -23.82 -12.72 13.25
CA GLY A 288 -23.67 -11.27 13.36
C GLY A 288 -22.29 -10.82 13.79
N GLY A 289 -22.00 -9.57 13.53
CA GLY A 289 -20.83 -8.87 14.04
C GLY A 289 -21.21 -7.62 14.81
N GLN A 290 -20.74 -7.53 16.06
CA GLN A 290 -21.10 -6.43 16.96
C GLN A 290 -19.95 -5.79 17.75
N ASN A 291 -19.14 -4.97 17.09
CA ASN A 291 -18.09 -4.26 17.76
C ASN A 291 -18.64 -2.98 18.38
N PRO A 292 -17.88 -2.36 19.27
CA PRO A 292 -18.17 -1.01 19.76
C PRO A 292 -18.58 -0.04 18.65
N ASN A 293 -17.79 0.06 17.59
CA ASN A 293 -18.04 1.03 16.51
C ASN A 293 -18.50 0.49 15.15
N PHE A 294 -18.79 -0.80 15.06
CA PHE A 294 -19.09 -1.45 13.77
C PHE A 294 -20.13 -2.51 13.95
N SER A 295 -20.93 -2.76 12.94
CA SER A 295 -21.80 -3.92 13.03
C SER A 295 -21.97 -4.58 11.66
N SER A 296 -22.43 -5.82 11.66
CA SER A 296 -22.48 -6.56 10.40
C SER A 296 -23.33 -7.79 10.59
N CYS A 297 -23.69 -8.43 9.48
CA CYS A 297 -24.39 -9.70 9.51
C CYS A 297 -24.11 -10.43 8.23
N ILE A 298 -24.06 -11.76 8.30
CA ILE A 298 -23.97 -12.52 7.06
C ILE A 298 -24.95 -13.70 7.17
N ALA A 299 -25.54 -14.11 6.07
CA ALA A 299 -26.46 -15.24 6.09
C ALA A 299 -26.37 -15.98 4.77
N LEU A 300 -26.38 -17.31 4.82
CA LEU A 300 -26.38 -18.07 3.60
C LEU A 300 -27.55 -19.05 3.63
N ARG A 301 -28.21 -19.21 2.49
CA ARG A 301 -29.19 -20.27 2.30
C ARG A 301 -28.66 -20.98 1.05
N PRO A 302 -27.79 -21.98 1.26
CA PRO A 302 -27.12 -22.61 0.16
C PRO A 302 -27.93 -23.47 -0.81
N ASP A 303 -29.16 -23.91 -0.46
CA ASP A 303 -30.01 -24.68 -1.40
CA ASP A 303 -30.06 -24.65 -1.38
C ASP A 303 -30.53 -23.77 -2.50
N GLN A 304 -30.74 -22.50 -2.21
CA GLN A 304 -31.08 -21.58 -3.29
C GLN A 304 -29.90 -20.71 -3.67
N GLN A 305 -28.71 -21.04 -3.22
CA GLN A 305 -27.56 -20.23 -3.61
C GLN A 305 -27.74 -18.75 -3.22
N ILE A 306 -28.16 -18.53 -1.98
CA ILE A 306 -28.38 -17.18 -1.49
C ILE A 306 -27.24 -16.87 -0.57
N GLY A 307 -26.67 -15.68 -0.73
CA GLY A 307 -25.66 -15.18 0.20
C GLY A 307 -25.97 -13.71 0.39
N ILE A 308 -26.01 -13.29 1.65
CA ILE A 308 -26.28 -11.91 1.99
C ILE A 308 -25.22 -11.39 2.94
N VAL A 309 -24.63 -10.24 2.65
CA VAL A 309 -23.74 -9.65 3.63
C VAL A 309 -24.00 -8.18 3.81
N ALA A 310 -23.97 -7.74 5.06
CA ALA A 310 -24.11 -6.31 5.35
C ALA A 310 -22.97 -5.83 6.22
N LEU A 311 -22.33 -4.73 5.81
CA LEU A 311 -21.32 -4.06 6.65
C LEU A 311 -21.68 -2.62 7.05
N ALA A 312 -21.64 -2.29 8.31
CA ALA A 312 -21.90 -0.94 8.77
C ALA A 312 -20.84 -0.36 9.71
N ASN A 313 -20.64 0.95 9.65
CA ASN A 313 -19.66 1.66 10.47
C ASN A 313 -20.20 2.24 11.75
N MET A 314 -21.22 1.62 12.30
CA MET A 314 -21.74 1.93 13.59
C MET A 314 -22.37 0.68 14.16
N ASN A 315 -22.39 0.53 15.46
CA ASN A 315 -23.05 -0.60 16.08
C ASN A 315 -24.56 -0.40 16.29
N SER A 316 -25.37 -1.09 15.49
CA SER A 316 -26.83 -1.07 15.60
C SER A 316 -27.43 -2.48 15.60
N ASN A 317 -28.37 -2.76 16.52
CA ASN A 317 -29.08 -4.03 16.54
C ASN A 317 -29.93 -4.27 15.30
N LEU A 318 -30.21 -3.22 14.54
CA LEU A 318 -31.01 -3.36 13.31
C LEU A 318 -30.16 -3.88 12.16
N ILE A 319 -28.87 -3.61 12.21
CA ILE A 319 -28.00 -4.14 11.16
C ILE A 319 -27.96 -5.65 11.35
N LEU A 320 -27.99 -6.10 12.60
CA LEU A 320 -27.95 -7.53 12.92
C LEU A 320 -29.17 -8.26 12.37
N GLN A 321 -30.27 -7.53 12.19
CA GLN A 321 -31.49 -8.16 11.76
C GLN A 321 -31.65 -7.93 10.24
N LEU A 322 -30.74 -7.18 9.64
CA LEU A 322 -30.92 -6.76 8.23
C LEU A 322 -30.82 -7.92 7.24
N CYS A 323 -29.89 -8.86 7.50
CA CYS A 323 -29.72 -10.01 6.61
C CYS A 323 -31.00 -10.88 6.60
N ALA A 324 -31.63 -11.04 7.76
CA ALA A 324 -32.94 -11.73 7.88
C ALA A 324 -34.10 -10.96 7.22
N ASP A 325 -34.07 -9.63 7.25
CA ASP A 325 -35.07 -8.90 6.44
C ASP A 325 -34.95 -9.24 4.96
N ILE A 326 -33.70 -9.24 4.48
CA ILE A 326 -33.40 -9.46 3.07
C ILE A 326 -33.76 -10.89 2.70
N ASP A 327 -33.52 -11.83 3.63
CA ASP A 327 -33.84 -13.21 3.37
C ASP A 327 -35.33 -13.41 3.23
N ASN A 328 -36.10 -12.84 4.17
CA ASN A 328 -37.58 -12.80 4.05
C ASN A 328 -38.01 -12.25 2.69
N TYR A 329 -37.37 -11.18 2.25
CA TYR A 329 -37.77 -10.55 1.01
C TYR A 329 -37.57 -11.51 -0.16
N LEU A 330 -36.44 -12.23 -0.15
CA LEU A 330 -36.13 -13.20 -1.20
C LEU A 330 -37.08 -14.40 -1.06
N ARG A 331 -37.33 -14.83 0.18
CA ARG A 331 -38.12 -16.04 0.38
C ARG A 331 -39.60 -15.82 0.00
N ILE A 332 -40.23 -14.74 0.47
CA ILE A 332 -41.68 -14.56 0.29
C ILE A 332 -42.09 -13.17 -0.22
N GLY A 333 -41.17 -12.32 -0.53
CA GLY A 333 -41.48 -11.03 -1.05
C GLY A 333 -41.99 -10.02 -0.05
N LYS A 334 -41.87 -10.34 1.22
CA LYS A 334 -42.33 -9.54 2.31
C LYS A 334 -41.29 -9.46 3.38
N TYR A 335 -41.18 -8.28 3.98
CA TYR A 335 -40.27 -8.04 5.11
C TYR A 335 -40.90 -7.28 6.30
N ALA A 336 -42.06 -6.67 6.06
CA ALA A 336 -42.73 -5.82 7.04
C ALA A 336 -43.50 -6.66 8.06
N GLU B 1 -10.71 40.35 -4.91
CA GLU B 1 -12.12 40.36 -4.54
C GLU B 1 -12.58 38.99 -4.04
N ARG B 2 -12.07 37.93 -4.69
CA ARG B 2 -12.42 36.56 -4.30
C ARG B 2 -11.20 35.72 -3.94
N LEU B 3 -11.41 34.69 -3.13
CA LEU B 3 -10.31 33.91 -2.55
C LEU B 3 -9.61 33.01 -3.58
N SER B 4 -10.41 32.29 -4.37
CA SER B 4 -9.95 31.50 -5.50
C SER B 4 -9.18 32.32 -6.56
N THR B 5 -9.58 33.57 -6.76
CA THR B 5 -8.87 34.46 -7.65
C THR B 5 -7.47 34.74 -7.09
N LEU B 6 -7.42 35.10 -5.82
CA LEU B 6 -6.15 35.30 -5.15
C LEU B 6 -5.25 34.06 -5.27
N ILE B 7 -5.83 32.89 -5.04
CA ILE B 7 -5.01 31.70 -4.93
C ILE B 7 -4.53 31.26 -6.33
N HIS B 8 -5.44 31.26 -7.30
CA HIS B 8 -5.06 30.95 -8.70
C HIS B 8 -4.06 31.94 -9.29
N GLN B 9 -4.27 33.23 -9.07
CA GLN B 9 -3.36 34.27 -9.48
C GLN B 9 -1.94 34.04 -8.94
N ARG B 10 -1.84 33.79 -7.63
CA ARG B 10 -0.56 33.50 -7.01
C ARG B 10 0.06 32.21 -7.55
N MET B 11 -0.75 31.19 -7.78
CA MET B 11 -0.21 29.99 -8.41
C MET B 11 0.49 30.30 -9.76
N GLN B 12 -0.17 31.10 -10.60
CA GLN B 12 0.33 31.44 -11.94
C GLN B 12 1.60 32.26 -11.87
N GLU B 13 1.60 33.28 -11.02
CA GLU B 13 2.73 34.18 -10.88
C GLU B 13 3.95 33.45 -10.28
N ALA B 14 3.69 32.45 -9.44
CA ALA B 14 4.76 31.61 -8.91
C ALA B 14 5.21 30.53 -9.91
N LYS B 15 4.39 30.28 -10.94
CA LYS B 15 4.76 29.30 -11.96
C LYS B 15 5.01 27.94 -11.34
N VAL B 16 4.31 27.68 -10.25
CA VAL B 16 4.34 26.38 -9.62
C VAL B 16 3.36 25.46 -10.34
N PRO B 17 3.77 24.20 -10.57
CA PRO B 17 2.84 23.34 -11.32
C PRO B 17 1.58 22.89 -10.58
N ALA B 18 1.70 22.62 -9.28
CA ALA B 18 0.56 22.12 -8.50
C ALA B 18 0.52 22.93 -7.20
N LEU B 19 -0.68 23.37 -6.82
CA LEU B 19 -0.85 24.17 -5.63
C LEU B 19 -2.07 23.66 -4.90
N SER B 20 -1.88 23.32 -3.64
CA SER B 20 -2.97 22.80 -2.82
C SER B 20 -3.06 23.67 -1.56
N VAL B 21 -4.25 24.20 -1.29
CA VAL B 21 -4.46 25.13 -0.19
C VAL B 21 -5.73 24.73 0.56
N SER B 22 -5.67 24.79 1.90
CA SER B 22 -6.83 24.60 2.73
C SER B 22 -6.96 25.78 3.69
N VAL B 23 -8.15 26.33 3.76
CA VAL B 23 -8.39 27.50 4.58
C VAL B 23 -9.56 27.13 5.49
N THR B 24 -9.39 27.33 6.79
CA THR B 24 -10.53 27.21 7.69
C THR B 24 -10.68 28.42 8.60
N ILE B 25 -11.93 28.83 8.80
CA ILE B 25 -12.29 29.95 9.67
C ILE B 25 -13.65 29.66 10.32
N LYS B 26 -13.71 29.71 11.64
CA LYS B 26 -14.96 29.50 12.37
C LYS B 26 -15.62 28.14 12.05
N GLY B 27 -14.80 27.14 11.77
CA GLY B 27 -15.25 25.81 11.43
C GLY B 27 -15.84 25.69 10.04
N VAL B 28 -15.63 26.69 9.20
CA VAL B 28 -15.97 26.54 7.81
C VAL B 28 -14.67 26.37 7.01
N ARG B 29 -14.61 25.34 6.16
CA ARG B 29 -13.32 25.00 5.55
C ARG B 29 -13.42 24.88 4.02
N GLN B 30 -12.55 25.55 3.31
CA GLN B 30 -12.54 25.39 1.86
C GLN B 30 -11.18 24.92 1.36
N ARG B 31 -11.20 24.08 0.34
CA ARG B 31 -9.98 23.54 -0.30
C ARG B 31 -9.75 24.12 -1.70
N PHE B 32 -8.51 24.42 -2.06
CA PHE B 32 -8.21 24.86 -3.44
C PHE B 32 -7.08 24.02 -3.98
N VAL B 33 -7.41 23.22 -5.00
CA VAL B 33 -6.52 22.19 -5.52
C VAL B 33 -6.34 22.40 -7.03
N TYR B 34 -5.19 22.89 -7.43
CA TYR B 34 -5.03 23.33 -8.81
C TYR B 34 -3.78 22.74 -9.44
N GLY B 35 -3.86 22.44 -10.75
CA GLY B 35 -2.67 22.03 -11.44
C GLY B 35 -2.30 20.56 -11.57
N VAL B 36 -1.03 20.29 -11.80
CA VAL B 36 -0.61 18.91 -12.03
C VAL B 36 0.51 18.50 -11.13
N ALA B 37 0.31 17.34 -10.52
CA ALA B 37 1.35 16.65 -9.75
C ALA B 37 2.59 16.32 -10.59
N ASP B 38 2.37 15.95 -11.85
CA ASP B 38 3.48 15.59 -12.73
C ASP B 38 3.14 16.11 -14.13
N VAL B 39 3.97 17.01 -14.62
CA VAL B 39 3.72 17.69 -15.90
C VAL B 39 3.71 16.64 -17.01
N ALA B 40 4.78 15.86 -17.07
CA ALA B 40 5.02 14.90 -18.14
C ALA B 40 3.98 13.78 -18.21
N SER B 41 3.39 13.41 -17.09
CA SER B 41 2.38 12.36 -17.14
C SER B 41 1.00 12.99 -17.13
N GLN B 42 0.94 14.32 -17.10
CA GLN B 42 -0.34 15.03 -16.96
C GLN B 42 -1.19 14.56 -15.78
N LYS B 43 -0.53 14.02 -14.75
CA LYS B 43 -1.21 13.52 -13.55
C LYS B 43 -1.72 14.72 -12.79
N ALA B 44 -3.03 14.80 -12.60
CA ALA B 44 -3.68 15.94 -11.95
C ALA B 44 -3.34 16.01 -10.47
N ASN B 45 -3.12 17.23 -9.99
CA ASN B 45 -3.01 17.43 -8.55
C ASN B 45 -4.35 17.00 -7.95
N THR B 46 -4.33 16.05 -7.02
CA THR B 46 -5.54 15.63 -6.29
C THR B 46 -5.29 15.75 -4.77
N LEU B 47 -6.35 15.52 -4.00
CA LEU B 47 -6.29 15.45 -2.55
C LEU B 47 -5.30 14.42 -2.03
N ASP B 48 -5.02 13.43 -2.86
CA ASP B 48 -4.07 12.36 -2.44
C ASP B 48 -2.62 12.73 -2.74
N THR B 49 -2.38 13.82 -3.46
CA THR B 49 -0.98 14.16 -3.78
C THR B 49 -0.09 14.42 -2.55
N VAL B 50 1.02 13.69 -2.44
CA VAL B 50 1.99 13.80 -1.37
C VAL B 50 3.01 14.91 -1.64
N TYR B 51 3.22 15.78 -0.64
CA TYR B 51 4.16 16.90 -0.72
C TYR B 51 5.20 16.77 0.36
N GLU B 52 6.40 17.29 0.11
CA GLU B 52 7.42 17.38 1.16
C GLU B 52 7.11 18.65 1.95
N LEU B 53 7.19 18.59 3.27
CA LEU B 53 6.91 19.78 4.08
C LEU B 53 8.10 20.72 4.21
N GLY B 54 9.31 20.28 3.87
CA GLY B 54 10.46 21.12 4.19
C GLY B 54 10.40 21.47 5.66
N SER B 55 10.71 22.73 5.98
CA SER B 55 10.91 23.20 7.38
C SER B 55 9.60 23.17 8.18
N MET B 56 8.50 22.83 7.52
CA MET B 56 7.26 22.63 8.24
C MET B 56 7.28 21.25 8.94
N SER B 57 8.35 20.48 8.68
CA SER B 57 8.66 19.26 9.39
C SER B 57 9.08 19.64 10.81
N LYS B 58 9.52 20.88 11.00
CA LYS B 58 10.11 21.23 12.28
C LYS B 58 9.09 21.27 13.41
N ALA B 59 7.85 21.65 13.10
CA ALA B 59 6.77 21.60 14.09
C ALA B 59 6.47 20.21 14.66
N PHE B 60 6.75 19.18 13.86
CA PHE B 60 6.46 17.81 14.24
C PHE B 60 7.58 17.40 15.17
N THR B 61 8.79 17.78 14.80
CA THR B 61 9.95 17.42 15.57
C THR B 61 9.93 18.14 16.91
N GLY B 62 9.42 19.37 16.90
CA GLY B 62 9.39 20.25 18.06
C GLY B 62 8.33 19.80 19.05
N LEU B 63 7.15 19.43 18.57
CA LEU B 63 6.13 18.89 19.43
C LEU B 63 6.56 17.55 20.07
N VAL B 64 7.25 16.70 19.33
CA VAL B 64 7.80 15.50 19.92
C VAL B 64 8.79 15.80 21.06
N VAL B 65 9.68 16.76 20.85
CA VAL B 65 10.55 17.18 21.92
C VAL B 65 9.74 17.59 23.17
N GLN B 66 8.71 18.39 22.95
CA GLN B 66 7.86 18.87 24.04
C GLN B 66 7.15 17.71 24.72
N ILE B 67 6.73 16.73 23.92
CA ILE B 67 6.07 15.55 24.44
C ILE B 67 7.02 14.81 25.37
N LEU B 68 8.29 14.75 24.98
CA LEU B 68 9.29 14.11 25.82
C LEU B 68 9.57 14.97 27.04
N ILE B 69 9.48 16.29 26.90
CA ILE B 69 9.71 17.14 28.07
C ILE B 69 8.55 16.96 29.05
N GLN B 70 7.34 17.19 28.56
CA GLN B 70 6.14 17.07 29.36
C GLN B 70 6.17 15.74 30.11
N GLU B 71 6.79 14.74 29.51
CA GLU B 71 6.72 13.40 30.05
C GLU B 71 7.81 13.17 31.09
N GLY B 72 8.77 14.07 31.13
CA GLY B 72 9.84 14.02 32.12
C GLY B 72 11.14 13.47 31.59
N ARG B 73 11.16 12.97 30.36
CA ARG B 73 12.33 12.21 29.88
C ARG B 73 13.39 13.08 29.27
N LEU B 74 13.21 14.39 29.33
CA LEU B 74 14.07 15.32 28.60
C LEU B 74 13.83 16.70 29.16
N ARG B 75 14.89 17.49 29.27
CA ARG B 75 14.71 18.90 29.62
C ARG B 75 15.42 19.85 28.65
N GLN B 76 14.75 20.97 28.36
CA GLN B 76 15.30 22.06 27.57
C GLN B 76 16.72 22.44 27.93
N GLY B 77 17.02 22.58 29.22
CA GLY B 77 18.38 22.90 29.64
C GLY B 77 19.39 21.74 29.73
N ASP B 78 18.95 20.50 29.48
CA ASP B 78 19.91 19.37 29.50
C ASP B 78 21.03 19.63 28.52
N ASP B 79 22.25 19.32 28.92
CA ASP B 79 23.40 19.48 28.06
C ASP B 79 23.26 18.59 26.84
N ILE B 80 23.71 19.05 25.67
CA ILE B 80 23.48 18.25 24.45
C ILE B 80 24.38 17.01 24.43
N ILE B 81 25.57 17.15 25.00
CA ILE B 81 26.56 16.08 25.02
C ILE B 81 26.14 14.80 25.76
N THR B 82 25.06 14.83 26.54
CA THR B 82 24.58 13.60 27.14
C THR B 82 23.77 12.73 26.16
N TYR B 83 23.11 13.38 25.21
CA TYR B 83 22.41 12.65 24.15
C TYR B 83 23.25 12.51 22.89
N LEU B 84 24.18 13.42 22.66
CA LEU B 84 25.03 13.33 21.47
C LEU B 84 26.44 13.43 22.06
N PRO B 85 26.99 12.28 22.50
CA PRO B 85 28.24 12.30 23.27
C PRO B 85 29.40 12.82 22.46
N GLU B 86 29.46 12.46 21.18
CA GLU B 86 30.67 12.73 20.42
C GLU B 86 30.59 13.89 19.42
N MET B 87 29.59 14.75 19.62
CA MET B 87 29.56 16.01 18.90
C MET B 87 29.90 17.11 19.87
N ARG B 88 31.14 17.55 19.81
CA ARG B 88 31.56 18.76 20.51
C ARG B 88 31.97 19.81 19.47
N LEU B 89 31.44 21.02 19.64
CA LEU B 89 31.70 22.09 18.71
C LEU B 89 32.43 23.19 19.47
N ASN B 90 33.02 24.13 18.77
CA ASN B 90 33.73 25.18 19.47
C ASN B 90 33.40 26.58 19.00
N TYR B 91 33.53 27.51 19.93
CA TYR B 91 33.36 28.91 19.65
C TYR B 91 34.66 29.53 20.06
N GLN B 92 35.20 30.43 19.27
CA GLN B 92 36.43 31.03 19.69
C GLN B 92 37.45 29.96 19.93
N GLY B 93 37.94 29.90 21.16
CA GLY B 93 38.91 28.90 21.57
C GLY B 93 38.42 27.73 22.41
N LYS B 94 37.60 28.01 23.42
CA LYS B 94 37.13 26.99 24.33
C LYS B 94 36.02 26.10 23.81
N PRO B 95 35.90 24.93 24.38
CA PRO B 95 34.86 24.04 23.88
C PRO B 95 33.48 24.58 24.24
N ALA B 96 32.57 24.61 23.26
CA ALA B 96 31.26 25.23 23.49
C ALA B 96 30.34 24.34 24.32
N SER B 97 29.56 24.96 25.20
CA SER B 97 28.52 24.25 25.92
C SER B 97 27.15 24.54 25.30
N LEU B 98 26.40 23.48 25.03
CA LEU B 98 25.14 23.49 24.31
C LEU B 98 24.01 22.74 24.97
N THR B 99 22.80 23.30 24.91
CA THR B 99 21.65 22.63 25.49
C THR B 99 20.61 22.31 24.44
N VAL B 100 19.67 21.46 24.81
CA VAL B 100 18.68 21.04 23.87
C VAL B 100 17.92 22.28 23.34
N ALA B 101 17.79 23.27 24.23
CA ALA B 101 17.03 24.49 24.02
C ALA B 101 17.65 25.31 22.87
N ASP B 102 18.97 25.24 22.75
CA ASP B 102 19.75 25.98 21.76
C ASP B 102 19.40 25.50 20.37
N PHE B 103 19.07 24.22 20.26
CA PHE B 103 18.64 23.68 18.98
C PHE B 103 17.16 23.91 18.71
N LEU B 104 16.33 23.79 19.75
CA LEU B 104 14.91 24.10 19.62
C LEU B 104 14.56 25.51 19.14
N TYR B 105 15.40 26.46 19.57
CA TYR B 105 15.19 27.86 19.37
C TYR B 105 16.17 28.52 18.42
N HIS B 106 16.95 27.70 17.73
CA HIS B 106 17.98 28.20 16.83
C HIS B 106 18.91 29.23 17.46
N THR B 107 19.43 28.92 18.64
CA THR B 107 20.41 29.77 19.28
C THR B 107 21.77 29.03 19.42
N SER B 108 22.08 28.10 18.51
CA SER B 108 23.25 27.19 18.64
C SER B 108 24.52 27.74 18.02
N GLY B 109 24.35 28.41 16.89
CA GLY B 109 25.48 29.06 16.24
C GLY B 109 26.10 28.11 15.23
N LEU B 110 25.40 27.04 14.93
CA LEU B 110 25.76 26.10 13.88
C LEU B 110 25.89 26.79 12.55
N PRO B 111 27.02 26.60 11.89
CA PRO B 111 27.29 27.26 10.60
C PRO B 111 26.29 26.80 9.54
N PHE B 112 25.61 27.76 8.91
CA PHE B 112 24.65 27.45 7.86
C PHE B 112 23.32 26.94 8.40
N GLU B 134 33.20 21.76 13.89
CA GLU B 134 32.88 23.08 13.32
C GLU B 134 33.11 24.22 14.32
N ASN B 135 33.29 25.43 13.77
CA ASN B 135 33.29 26.63 14.59
C ASN B 135 31.89 27.25 14.63
N LEU B 136 31.44 27.54 15.84
CA LEU B 136 30.15 28.19 16.09
C LEU B 136 30.19 29.66 15.66
N LEU B 137 29.15 30.13 14.99
CA LEU B 137 29.09 31.53 14.58
C LEU B 137 29.01 32.54 15.72
N PHE B 138 28.72 32.08 16.94
CA PHE B 138 28.51 32.97 18.09
C PHE B 138 28.33 32.12 19.33
N ALA B 139 28.38 32.75 20.50
CA ALA B 139 28.21 32.00 21.75
C ALA B 139 26.80 31.40 21.85
N PRO B 140 26.70 30.10 22.20
CA PRO B 140 25.38 29.50 22.27
C PRO B 140 24.43 30.35 23.12
N GLY B 141 23.25 30.63 22.59
CA GLY B 141 22.27 31.38 23.35
C GLY B 141 22.34 32.86 23.02
N ALA B 142 23.33 33.27 22.23
CA ALA B 142 23.57 34.69 21.94
C ALA B 142 22.65 35.41 20.92
N LYS B 143 22.33 34.75 19.82
CA LYS B 143 21.41 35.32 18.83
C LYS B 143 20.55 34.23 18.22
N PHE B 144 19.39 34.62 17.70
CA PHE B 144 18.60 33.70 16.95
C PHE B 144 19.24 33.74 15.58
N SER B 145 19.52 32.55 15.04
CA SER B 145 19.97 32.41 13.67
C SER B 145 19.50 31.06 13.15
N TYR B 146 18.54 31.14 12.24
CA TYR B 146 17.86 29.95 11.77
C TYR B 146 18.84 28.99 11.09
N ALA B 147 18.88 27.75 11.54
CA ALA B 147 19.72 26.75 10.88
C ALA B 147 18.98 25.43 10.90
N SER B 148 18.61 24.99 9.72
CA SER B 148 17.80 23.80 9.51
C SER B 148 18.38 22.59 10.24
N ALA B 149 19.72 22.49 10.24
CA ALA B 149 20.48 21.47 10.98
C ALA B 149 20.30 21.49 12.50
N ASN B 150 19.65 22.52 13.04
CA ASN B 150 19.33 22.50 14.45
C ASN B 150 18.32 21.39 14.76
N TYR B 151 17.40 21.18 13.84
CA TYR B 151 16.35 20.20 14.08
C TYR B 151 16.71 18.73 13.72
N ASP B 152 17.84 18.57 13.00
CA ASP B 152 18.42 17.25 12.70
C ASP B 152 19.00 16.78 14.03
N VAL B 153 19.80 17.65 14.66
CA VAL B 153 20.24 17.44 16.03
C VAL B 153 19.14 16.92 16.94
N LEU B 154 17.97 17.56 16.92
CA LEU B 154 16.85 17.14 17.76
C LEU B 154 16.27 15.83 17.31
N GLY B 155 16.31 15.54 16.01
CA GLY B 155 15.99 14.19 15.53
C GLY B 155 16.84 13.16 16.28
N ALA B 156 18.15 13.37 16.27
CA ALA B 156 19.07 12.50 16.98
C ALA B 156 18.74 12.43 18.48
N VAL B 157 18.60 13.58 19.11
CA VAL B 157 18.18 13.60 20.50
C VAL B 157 16.99 12.67 20.72
N ILE B 158 15.98 12.81 19.87
CA ILE B 158 14.76 12.04 20.03
C ILE B 158 15.01 10.52 19.89
N GLU B 159 16.00 10.18 19.07
CA GLU B 159 16.39 8.79 18.88
C GLU B 159 17.14 8.25 20.11
N ASN B 160 18.09 9.01 20.62
CA ASN B 160 18.74 8.61 21.85
C ASN B 160 17.81 8.51 23.06
N VAL B 161 16.80 9.36 23.17
CA VAL B 161 15.92 9.31 24.32
C VAL B 161 15.01 8.09 24.25
N THR B 162 14.47 7.80 23.08
CA THR B 162 13.48 6.74 22.96
C THR B 162 14.08 5.38 22.57
N GLY B 163 15.30 5.39 22.03
CA GLY B 163 15.87 4.18 21.42
C GLY B 163 15.22 3.74 20.10
N LYS B 164 14.16 4.43 19.66
CA LYS B 164 13.53 4.10 18.37
C LYS B 164 14.05 5.02 17.25
N THR B 165 13.64 4.73 16.00
CA THR B 165 13.96 5.62 14.89
C THR B 165 13.02 6.81 14.87
N PHE B 166 13.51 7.92 14.31
CA PHE B 166 12.67 9.09 14.18
C PHE B 166 11.32 8.71 13.62
N THR B 167 11.31 7.86 12.59
CA THR B 167 10.06 7.44 11.93
C THR B 167 9.03 6.73 12.80
N GLU B 168 9.48 5.85 13.69
CA GLU B 168 8.58 5.15 14.61
C GLU B 168 7.99 6.12 15.63
N VAL B 169 8.84 6.96 16.18
CA VAL B 169 8.41 7.94 17.14
C VAL B 169 7.38 8.84 16.51
N ILE B 170 7.71 9.44 15.36
CA ILE B 170 6.76 10.31 14.69
C ILE B 170 5.44 9.57 14.49
N ALA B 171 5.51 8.34 13.99
CA ALA B 171 4.25 7.62 13.76
C ALA B 171 3.55 7.23 15.09
N GLU B 172 4.34 6.85 16.09
CA GLU B 172 3.77 6.34 17.34
C GLU B 172 3.22 7.50 18.18
N ARG B 173 4.03 8.53 18.32
CA ARG B 173 3.67 9.73 19.06
C ARG B 173 2.84 10.82 18.35
N LEU B 174 2.88 10.83 17.02
CA LEU B 174 2.28 11.97 16.29
C LEU B 174 1.16 11.66 15.28
N THR B 175 1.44 10.78 14.30
CA THR B 175 0.48 10.52 13.23
C THR B 175 -0.54 9.43 13.50
N GLN B 176 -0.15 8.40 14.25
CA GLN B 176 -1.11 7.34 14.56
C GLN B 176 -2.23 7.84 15.46
N PRO B 177 -1.89 8.53 16.56
CA PRO B 177 -2.95 9.01 17.43
C PRO B 177 -3.80 10.10 16.77
N LEU B 178 -3.18 10.99 15.99
CA LEU B 178 -3.95 12.02 15.30
C LEU B 178 -4.69 11.48 14.09
N GLY B 179 -4.42 10.24 13.68
CA GLY B 179 -5.10 9.66 12.52
C GLY B 179 -4.68 10.27 11.18
N MET B 180 -3.44 10.77 11.11
CA MET B 180 -2.79 11.25 9.87
C MET B 180 -2.08 10.10 9.13
N SER B 181 -2.85 9.28 8.43
CA SER B 181 -2.33 8.05 7.84
C SER B 181 -1.56 8.12 6.49
N ALA B 182 -1.47 9.30 5.89
CA ALA B 182 -0.59 9.46 4.74
C ALA B 182 0.62 10.36 5.00
N THR B 183 0.87 10.67 6.28
CA THR B 183 1.97 11.55 6.73
C THR B 183 3.13 10.72 7.23
N VAL B 184 4.35 10.99 6.79
CA VAL B 184 5.40 10.05 7.13
C VAL B 184 6.78 10.70 7.14
N ALA B 185 7.60 10.23 8.07
CA ALA B 185 8.97 10.66 8.16
C ALA B 185 9.73 9.50 7.51
N VAL B 186 10.41 9.75 6.40
CA VAL B 186 11.09 8.68 5.66
C VAL B 186 12.47 8.20 6.08
N ILE B 192 7.28 6.47 -2.68
CA ILE B 192 5.97 6.82 -2.17
C ILE B 192 5.13 7.27 -3.36
N VAL B 193 4.23 6.41 -3.82
CA VAL B 193 3.26 6.80 -4.86
C VAL B 193 2.48 7.97 -4.31
N ASN B 194 1.81 8.70 -5.18
CA ASN B 194 1.01 9.82 -4.72
C ASN B 194 1.92 10.96 -4.31
N LYS B 195 3.24 10.78 -4.52
CA LYS B 195 4.17 11.89 -4.31
C LYS B 195 4.35 12.74 -5.58
N ALA B 196 3.96 14.01 -5.49
CA ALA B 196 4.08 14.92 -6.63
C ALA B 196 5.55 15.14 -6.98
N SER B 197 5.83 15.21 -8.27
CA SER B 197 7.19 15.45 -8.75
C SER B 197 7.68 16.82 -8.33
N GLY B 198 8.95 16.92 -7.96
CA GLY B 198 9.53 18.18 -7.53
C GLY B 198 10.23 18.95 -8.64
N TYR B 199 9.85 20.21 -8.84
CA TYR B 199 10.41 21.03 -9.91
C TYR B 199 11.21 22.21 -9.38
N LYS B 200 12.15 22.69 -10.20
CA LYS B 200 12.97 23.86 -9.88
C LYS B 200 12.82 24.89 -11.00
N LEU B 201 13.47 26.04 -10.86
CA LEU B 201 13.30 27.10 -11.84
C LEU B 201 14.57 27.44 -12.62
N GLY B 202 14.45 27.39 -13.94
CA GLY B 202 15.47 27.88 -14.85
C GLY B 202 14.78 28.85 -15.79
N PHE B 203 14.89 28.59 -17.09
CA PHE B 203 14.09 29.30 -18.06
C PHE B 203 12.63 28.97 -17.78
N GLY B 204 12.38 27.71 -17.47
CA GLY B 204 11.09 27.12 -17.18
C GLY B 204 11.25 26.20 -15.97
N LYS B 205 10.27 25.33 -15.66
CA LYS B 205 10.42 24.36 -14.54
C LYS B 205 10.66 22.90 -14.95
N PRO B 206 11.91 22.48 -14.93
CA PRO B 206 12.35 21.08 -15.10
C PRO B 206 12.55 20.36 -13.76
N VAL B 207 12.32 19.06 -13.77
CA VAL B 207 12.22 18.28 -12.53
C VAL B 207 13.51 18.08 -11.73
N LEU B 208 13.32 17.98 -10.39
CA LEU B 208 14.41 17.67 -9.47
C LEU B 208 13.85 16.73 -8.40
N HIS B 217 18.44 14.08 7.21
CA HIS B 217 17.90 15.42 7.30
C HIS B 217 16.38 15.46 7.54
N VAL B 218 15.80 14.31 7.89
CA VAL B 218 14.35 14.18 7.92
C VAL B 218 13.63 15.03 8.98
N PRO B 219 14.17 15.12 10.21
CA PRO B 219 13.52 15.96 11.24
C PRO B 219 13.41 17.45 10.88
N ALA B 220 14.43 17.98 10.21
CA ALA B 220 14.37 19.36 9.73
C ALA B 220 13.43 19.67 8.55
N ALA B 221 13.61 18.96 7.45
CA ALA B 221 12.92 19.28 6.20
C ALA B 221 12.20 18.16 5.45
N TYR B 222 12.37 16.93 5.90
CA TYR B 222 11.81 15.82 5.14
C TYR B 222 10.75 14.93 5.79
N ILE B 223 9.59 15.58 6.08
CA ILE B 223 8.40 14.90 6.51
C ILE B 223 7.44 15.13 5.33
N HIS B 224 6.82 14.06 4.85
CA HIS B 224 5.90 14.08 3.72
C HIS B 224 4.45 13.99 4.23
N SER B 225 3.53 14.73 3.63
CA SER B 225 2.15 14.70 4.12
C SER B 225 1.23 15.03 2.97
N THR B 226 -0.08 14.92 3.15
CA THR B 226 -1.05 15.37 2.12
C THR B 226 -1.84 16.56 2.65
N LEU B 227 -2.60 17.23 1.78
CA LEU B 227 -3.51 18.29 2.23
C LEU B 227 -4.55 17.87 3.26
N PRO B 228 -5.28 16.75 3.04
CA PRO B 228 -6.20 16.33 4.11
C PRO B 228 -5.53 16.03 5.46
N ASP B 229 -4.32 15.46 5.48
CA ASP B 229 -3.60 15.27 6.76
C ASP B 229 -3.12 16.56 7.44
N MET B 230 -2.78 17.57 6.63
CA MET B 230 -2.34 18.84 7.18
C MET B 230 -3.51 19.58 7.80
N GLU B 231 -4.71 19.30 7.30
CA GLU B 231 -5.94 19.87 7.82
C GLU B 231 -6.23 19.23 9.20
N ILE B 232 -5.94 17.92 9.29
CA ILE B 232 -6.06 17.23 10.56
C ILE B 232 -5.12 17.85 11.57
N TRP B 233 -3.90 18.10 11.13
CA TRP B 233 -2.83 18.63 11.98
C TRP B 233 -3.26 19.98 12.50
N ILE B 234 -3.75 20.81 11.58
CA ILE B 234 -4.23 22.15 11.89
C ILE B 234 -5.34 22.11 12.93
N ASP B 235 -6.29 21.21 12.73
CA ASP B 235 -7.46 21.08 13.61
C ASP B 235 -7.08 20.64 15.02
N ALA B 236 -6.04 19.81 15.14
CA ALA B 236 -5.55 19.34 16.44
C ALA B 236 -4.94 20.47 17.25
N TRP B 237 -4.11 21.28 16.54
CA TRP B 237 -3.57 22.48 17.13
C TRP B 237 -4.71 23.44 17.50
N LEU B 238 -5.73 23.55 16.65
CA LEU B 238 -6.83 24.52 16.90
C LEU B 238 -7.80 24.17 18.06
N HIS B 239 -7.95 22.89 18.36
CA HIS B 239 -8.81 22.42 19.44
C HIS B 239 -7.99 21.65 20.45
N ARG B 240 -6.74 22.10 20.62
CA ARG B 240 -5.73 21.40 21.38
C ARG B 240 -6.17 21.14 22.79
N LYS B 241 -7.11 21.96 23.26
CA LYS B 241 -7.49 21.95 24.66
C LYS B 241 -8.58 20.91 24.89
N ALA B 242 -8.77 20.05 23.89
CA ALA B 242 -9.66 18.89 23.99
C ALA B 242 -8.97 17.58 23.60
N LEU B 243 -7.63 17.54 23.65
CA LEU B 243 -6.86 16.30 23.44
C LEU B 243 -6.38 15.69 24.78
N PRO B 244 -5.80 14.49 24.75
CA PRO B 244 -5.19 13.96 25.98
C PRO B 244 -4.28 14.98 26.63
N ALA B 245 -4.24 14.99 27.93
CA ALA B 245 -3.55 16.03 28.63
C ALA B 245 -2.11 16.14 28.21
N THR B 246 -1.47 15.05 27.91
CA THR B 246 -0.04 15.09 27.64
C THR B 246 0.23 15.82 26.32
N LEU B 247 -0.49 15.40 25.28
CA LEU B 247 -0.42 16.01 23.97
C LEU B 247 -0.72 17.51 24.04
N ARG B 248 -1.84 17.83 24.69
CA ARG B 248 -2.23 19.20 24.97
C ARG B 248 -1.23 20.10 25.70
N GLU B 249 -0.68 19.66 26.83
CA GLU B 249 0.30 20.50 27.49
C GLU B 249 1.54 20.59 26.63
N ALA B 250 1.83 19.58 25.83
CA ALA B 250 2.98 19.65 24.96
C ALA B 250 2.73 20.74 23.89
N MET B 251 1.50 20.79 23.38
CA MET B 251 1.15 21.83 22.40
C MET B 251 1.28 23.26 22.94
N SER B 252 0.70 23.56 24.10
CA SER B 252 0.90 24.86 24.78
C SER B 252 2.34 25.24 24.89
N ASN B 253 3.13 24.31 25.40
CA ASN B 253 4.55 24.53 25.51
C ASN B 253 5.22 24.73 24.17
N SER B 254 4.67 24.11 23.12
CA SER B 254 5.31 24.17 21.80
C SER B 254 5.21 25.57 21.17
N TRP B 255 4.20 26.32 21.61
CA TRP B 255 3.94 27.66 21.09
C TRP B 255 4.54 28.72 21.96
N ARG B 256 5.38 28.31 22.93
CA ARG B 256 6.04 29.30 23.74
C ARG B 256 7.34 29.77 23.09
N GLY B 257 7.34 31.02 22.65
CA GLY B 257 8.50 31.61 22.02
C GLY B 257 9.65 31.89 22.96
N ASN B 258 10.86 31.77 22.42
CA ASN B 258 12.06 32.03 23.22
C ASN B 258 12.34 33.50 23.13
N SER B 259 12.21 34.22 24.25
CA SER B 259 12.33 35.68 24.24
C SER B 259 13.73 36.14 24.64
N ASP B 260 14.55 35.19 25.10
CA ASP B 260 15.92 35.50 25.52
C ASP B 260 16.94 35.69 24.40
N VAL B 261 16.56 36.38 23.33
CA VAL B 261 17.50 36.74 22.27
C VAL B 261 17.29 38.15 21.71
N PRO B 262 18.35 38.77 21.22
CA PRO B 262 18.26 40.04 20.53
C PRO B 262 17.23 39.97 19.43
N LEU B 263 16.40 41.01 19.42
CA LEU B 263 15.39 41.24 18.39
C LEU B 263 15.85 42.44 17.58
N ALA B 264 15.51 42.48 16.30
CA ALA B 264 15.80 43.60 15.38
C ALA B 264 14.74 44.71 15.45
N ALA B 265 15.10 45.89 14.98
CA ALA B 265 14.20 47.04 14.88
C ALA B 265 12.84 46.78 14.27
N ASP B 266 12.79 45.91 13.27
CA ASP B 266 11.58 45.68 12.48
C ASP B 266 11.15 44.23 12.58
N ASN B 267 11.71 43.47 13.51
CA ASN B 267 11.30 42.11 13.79
C ASN B 267 11.45 41.68 15.26
N ARG B 268 10.35 41.67 16.02
CA ARG B 268 10.40 41.20 17.41
C ARG B 268 9.65 39.87 17.56
N ILE B 269 9.37 39.22 16.45
CA ILE B 269 8.85 37.88 16.43
C ILE B 269 9.77 36.90 17.16
N LEU B 270 9.18 35.91 17.83
CA LEU B 270 9.95 34.93 18.61
C LEU B 270 9.77 33.48 18.14
N TYR B 271 10.87 32.74 18.02
CA TYR B 271 10.82 31.35 17.59
C TYR B 271 10.40 30.39 18.75
N ALA B 272 9.39 29.60 18.55
CA ALA B 272 9.03 28.61 19.51
C ALA B 272 9.36 27.21 18.95
N SER B 273 8.69 26.16 19.37
CA SER B 273 9.17 24.85 18.97
C SER B 273 8.84 24.40 17.53
N GLY B 274 9.58 25.02 16.59
CA GLY B 274 9.25 24.91 15.21
C GLY B 274 8.14 25.77 14.67
N TRP B 275 7.92 26.89 15.31
CA TRP B 275 6.88 27.81 14.87
C TRP B 275 7.42 29.21 15.15
N PHE B 276 7.07 30.14 14.27
CA PHE B 276 7.33 31.56 14.49
C PHE B 276 6.07 32.09 15.23
N ILE B 277 6.24 32.91 16.25
CA ILE B 277 5.09 33.42 17.01
C ILE B 277 5.01 34.94 16.97
N ASP B 278 3.90 35.48 16.48
CA ASP B 278 3.79 36.91 16.29
C ASP B 278 2.51 37.40 17.01
N GLN B 279 2.67 38.36 17.92
CA GLN B 279 1.54 38.90 18.67
C GLN B 279 0.77 40.00 17.93
N ASN B 280 1.37 40.58 16.88
CA ASN B 280 0.74 41.62 16.07
C ASN B 280 -0.42 41.11 15.27
N GLN B 281 -1.62 41.59 15.59
CA GLN B 281 -2.84 41.12 14.92
C GLN B 281 -2.76 39.61 15.13
N GLY B 282 -2.55 39.21 16.37
CA GLY B 282 -2.28 37.80 16.64
C GLY B 282 -2.92 37.35 17.94
N PRO B 283 -2.46 36.24 18.52
CA PRO B 283 -1.36 35.40 18.10
C PRO B 283 -1.49 34.91 16.68
N TYR B 284 -0.39 34.96 15.95
CA TYR B 284 -0.28 34.38 14.64
C TYR B 284 0.86 33.36 14.76
N ILE B 285 0.58 32.10 14.48
CA ILE B 285 1.62 31.08 14.53
C ILE B 285 1.85 30.60 13.12
N SER B 286 3.08 30.68 12.63
CA SER B 286 3.33 30.34 11.23
C SER B 286 4.74 29.78 10.95
N HIS B 287 4.87 29.07 9.84
CA HIS B 287 6.17 28.60 9.41
C HIS B 287 6.09 28.37 7.90
N GLY B 288 7.22 28.58 7.23
CA GLY B 288 7.34 28.23 5.83
C GLY B 288 8.12 26.95 5.68
N GLY B 289 8.06 26.40 4.47
CA GLY B 289 8.89 25.29 4.05
C GLY B 289 9.57 25.58 2.72
N GLN B 290 10.88 25.41 2.66
CA GLN B 290 11.63 25.73 1.44
C GLN B 290 12.65 24.67 0.99
N ASN B 291 12.21 23.60 0.34
CA ASN B 291 13.17 22.59 -0.12
C ASN B 291 13.58 22.91 -1.56
N PRO B 292 14.47 22.15 -2.14
CA PRO B 292 14.86 22.37 -3.52
C PRO B 292 13.72 22.21 -4.52
N ASN B 293 12.90 21.18 -4.39
CA ASN B 293 11.76 20.95 -5.31
C ASN B 293 10.33 21.22 -4.78
N PHE B 294 10.20 21.77 -3.58
CA PHE B 294 8.92 21.94 -2.93
C PHE B 294 8.92 23.23 -2.12
N SER B 295 7.75 23.84 -1.92
CA SER B 295 7.55 24.95 -1.01
C SER B 295 6.20 24.83 -0.29
N SER B 296 6.09 25.39 0.91
CA SER B 296 4.83 25.42 1.63
C SER B 296 4.82 26.47 2.74
N CYS B 297 3.62 26.82 3.18
CA CYS B 297 3.44 27.72 4.30
C CYS B 297 2.27 27.22 5.15
N ILE B 298 2.32 27.45 6.43
CA ILE B 298 1.19 27.20 7.28
C ILE B 298 1.02 28.34 8.27
N ALA B 299 -0.19 28.77 8.57
CA ALA B 299 -0.40 29.84 9.55
C ALA B 299 -1.70 29.61 10.30
N LEU B 300 -1.69 29.99 11.58
CA LEU B 300 -2.85 29.75 12.43
C LEU B 300 -3.09 31.02 13.20
N ARG B 301 -4.36 31.37 13.33
CA ARG B 301 -4.83 32.46 14.18
C ARG B 301 -5.92 31.87 15.06
N PRO B 302 -5.51 31.23 16.15
CA PRO B 302 -6.42 30.41 16.96
C PRO B 302 -7.57 31.21 17.57
N ASP B 303 -7.30 32.41 18.06
CA ASP B 303 -8.39 33.24 18.64
C ASP B 303 -9.52 33.37 17.65
N GLN B 304 -9.23 33.31 16.37
CA GLN B 304 -10.38 33.31 15.48
C GLN B 304 -10.68 31.95 14.82
N GLN B 305 -10.07 30.88 15.31
CA GLN B 305 -10.20 29.56 14.65
C GLN B 305 -9.81 29.53 13.16
N ILE B 306 -8.70 30.16 12.81
CA ILE B 306 -8.27 30.28 11.44
C ILE B 306 -7.04 29.42 11.27
N GLY B 307 -6.99 28.63 10.20
CA GLY B 307 -5.86 27.77 9.91
C GLY B 307 -5.70 27.67 8.41
N ILE B 308 -4.52 28.03 7.93
CA ILE B 308 -4.26 28.13 6.49
C ILE B 308 -3.04 27.26 6.17
N VAL B 309 -3.14 26.38 5.17
CA VAL B 309 -1.97 25.62 4.76
C VAL B 309 -1.88 25.62 3.24
N ALA B 310 -0.68 25.80 2.69
CA ALA B 310 -0.47 25.74 1.25
C ALA B 310 0.71 24.82 0.96
N LEU B 311 0.52 23.93 -0.01
CA LEU B 311 1.53 22.96 -0.42
C LEU B 311 1.81 23.10 -1.93
N ALA B 312 3.03 23.37 -2.35
CA ALA B 312 3.31 23.46 -3.77
C ALA B 312 4.46 22.57 -4.11
N ASN B 313 4.37 21.83 -5.21
CA ASN B 313 5.45 20.94 -5.61
C ASN B 313 6.46 21.71 -6.45
N MET B 314 6.88 22.84 -5.90
CA MET B 314 7.88 23.71 -6.50
C MET B 314 8.45 24.56 -5.39
N ASN B 315 9.60 25.17 -5.63
CA ASN B 315 10.12 26.12 -4.65
C ASN B 315 9.90 27.53 -5.17
N SER B 316 9.16 28.32 -4.41
CA SER B 316 8.92 29.72 -4.80
C SER B 316 8.71 30.59 -3.56
N ASN B 317 9.45 31.69 -3.50
CA ASN B 317 9.26 32.68 -2.45
C ASN B 317 7.80 33.09 -2.35
N LEU B 318 7.07 33.08 -3.46
CA LEU B 318 5.66 33.52 -3.43
C LEU B 318 4.75 32.62 -2.61
N ILE B 319 5.09 31.33 -2.55
CA ILE B 319 4.26 30.39 -1.79
C ILE B 319 4.45 30.68 -0.30
N LEU B 320 5.65 31.10 0.09
CA LEU B 320 5.93 31.45 1.47
C LEU B 320 5.13 32.66 1.96
N GLN B 321 4.72 33.52 1.04
CA GLN B 321 3.92 34.69 1.42
C GLN B 321 2.41 34.42 1.27
N LEU B 322 2.06 33.25 0.73
CA LEU B 322 0.67 32.96 0.39
C LEU B 322 -0.30 32.87 1.59
N CYS B 323 0.18 32.25 2.67
CA CYS B 323 -0.66 32.02 3.84
C CYS B 323 -0.95 33.38 4.43
N ALA B 324 0.04 34.26 4.41
CA ALA B 324 -0.17 35.65 4.84
C ALA B 324 -1.12 36.47 3.93
N ASP B 325 -1.07 36.26 2.61
CA ASP B 325 -2.03 36.93 1.72
C ASP B 325 -3.43 36.48 2.09
N ILE B 326 -3.60 35.18 2.28
CA ILE B 326 -4.91 34.64 2.64
C ILE B 326 -5.32 35.14 4.01
N ASP B 327 -4.38 35.28 4.95
CA ASP B 327 -4.76 35.80 6.26
C ASP B 327 -5.25 37.25 6.12
N ASN B 328 -4.56 38.05 5.31
CA ASN B 328 -4.97 39.45 5.04
C ASN B 328 -6.40 39.49 4.50
N TYR B 329 -6.72 38.54 3.62
CA TYR B 329 -8.02 38.50 3.02
C TYR B 329 -9.12 38.20 4.04
N LEU B 330 -8.82 37.26 4.93
CA LEU B 330 -9.74 36.88 5.98
C LEU B 330 -9.87 38.02 7.00
N ARG B 331 -8.76 38.67 7.34
CA ARG B 331 -8.77 39.71 8.37
C ARG B 331 -9.51 40.99 7.87
N ILE B 332 -9.10 41.52 6.69
CA ILE B 332 -9.69 42.79 6.21
C ILE B 332 -10.25 42.82 4.80
N GLY B 333 -10.31 41.68 4.14
CA GLY B 333 -10.97 41.55 2.85
C GLY B 333 -10.15 42.14 1.73
N LYS B 334 -8.88 42.37 2.01
CA LYS B 334 -7.98 43.05 1.08
C LYS B 334 -6.68 42.26 1.15
N TYR B 335 -5.95 42.31 0.03
CA TYR B 335 -4.64 41.70 0.02
C TYR B 335 -3.81 42.46 -1.01
N GLU C 1 -8.90 1.87 -41.43
CA GLU C 1 -7.41 1.99 -41.40
C GLU C 1 -6.78 2.73 -40.20
N ARG C 2 -7.58 3.14 -39.22
CA ARG C 2 -7.05 3.83 -38.02
C ARG C 2 -6.26 2.97 -37.02
N LEU C 3 -5.36 3.57 -36.26
CA LEU C 3 -4.56 2.81 -35.29
C LEU C 3 -5.39 2.16 -34.15
N SER C 4 -6.39 2.89 -33.65
CA SER C 4 -7.33 2.34 -32.68
C SER C 4 -8.15 1.19 -33.29
N THR C 5 -8.53 1.33 -34.54
CA THR C 5 -9.09 0.22 -35.29
C THR C 5 -8.20 -1.03 -35.27
N LEU C 6 -6.93 -0.87 -35.61
CA LEU C 6 -6.02 -2.01 -35.66
C LEU C 6 -5.87 -2.71 -34.31
N ILE C 7 -5.80 -1.91 -33.24
CA ILE C 7 -5.50 -2.43 -31.92
C ILE C 7 -6.77 -3.08 -31.32
N HIS C 8 -7.90 -2.40 -31.42
CA HIS C 8 -9.17 -2.98 -30.96
C HIS C 8 -9.50 -4.30 -31.67
N GLN C 9 -9.37 -4.33 -32.98
CA GLN C 9 -9.58 -5.53 -33.77
C GLN C 9 -8.65 -6.70 -33.41
N ARG C 10 -7.36 -6.42 -33.17
CA ARG C 10 -6.44 -7.44 -32.73
C ARG C 10 -6.84 -7.93 -31.34
N MET C 11 -7.29 -7.01 -30.50
CA MET C 11 -7.73 -7.47 -29.21
C MET C 11 -8.93 -8.44 -29.33
N GLN C 12 -9.89 -8.12 -30.18
CA GLN C 12 -11.09 -8.98 -30.27
C GLN C 12 -10.69 -10.32 -30.81
N GLU C 13 -9.82 -10.29 -31.79
CA GLU C 13 -9.48 -11.52 -32.45
C GLU C 13 -8.58 -12.40 -31.56
N ALA C 14 -7.81 -11.80 -30.65
CA ALA C 14 -7.00 -12.55 -29.71
C ALA C 14 -7.87 -13.07 -28.55
N LYS C 15 -9.01 -12.40 -28.33
CA LYS C 15 -9.92 -12.77 -27.25
C LYS C 15 -9.26 -12.56 -25.90
N VAL C 16 -8.41 -11.55 -25.79
CA VAL C 16 -7.83 -11.16 -24.51
C VAL C 16 -8.79 -10.21 -23.79
N PRO C 17 -9.10 -10.48 -22.52
CA PRO C 17 -10.05 -9.58 -21.85
C PRO C 17 -9.52 -8.15 -21.64
N ALA C 18 -8.24 -7.99 -21.37
CA ALA C 18 -7.69 -6.66 -21.17
C ALA C 18 -6.47 -6.47 -22.08
N LEU C 19 -6.43 -5.37 -22.82
CA LEU C 19 -5.27 -5.03 -23.62
C LEU C 19 -4.87 -3.59 -23.33
N SER C 20 -3.59 -3.39 -23.00
CA SER C 20 -3.04 -2.07 -22.83
C SER C 20 -1.88 -1.82 -23.80
N VAL C 21 -1.93 -0.75 -24.56
CA VAL C 21 -0.93 -0.47 -25.58
C VAL C 21 -0.49 0.99 -25.48
N SER C 22 0.83 1.21 -25.51
CA SER C 22 1.39 2.55 -25.63
C SER C 22 2.30 2.68 -26.85
N VAL C 23 2.12 3.76 -27.60
CA VAL C 23 2.86 3.99 -28.84
C VAL C 23 3.44 5.37 -28.81
N THR C 24 4.76 5.45 -28.99
CA THR C 24 5.42 6.74 -29.11
C THR C 24 6.25 6.90 -30.39
N ILE C 25 6.04 8.03 -31.05
CA ILE C 25 6.80 8.34 -32.28
C ILE C 25 7.12 9.81 -32.28
N LYS C 26 8.40 10.12 -32.44
CA LYS C 26 8.89 11.50 -32.49
C LYS C 26 8.37 12.38 -31.34
N GLY C 27 8.35 11.82 -30.13
CA GLY C 27 7.90 12.54 -28.95
C GLY C 27 6.41 12.72 -28.84
N VAL C 28 5.66 12.04 -29.72
CA VAL C 28 4.21 12.02 -29.61
C VAL C 28 3.77 10.63 -29.17
N ARG C 29 3.03 10.56 -28.07
CA ARG C 29 2.63 9.28 -27.48
C ARG C 29 1.12 9.13 -27.34
N GLN C 30 0.62 7.97 -27.77
CA GLN C 30 -0.78 7.63 -27.58
C GLN C 30 -0.93 6.32 -26.82
N ARG C 31 -1.95 6.25 -25.96
CA ARG C 31 -2.28 5.05 -25.17
C ARG C 31 -3.59 4.40 -25.62
N PHE C 32 -3.63 3.08 -25.64
CA PHE C 32 -4.88 2.38 -25.98
C PHE C 32 -5.15 1.39 -24.86
N VAL C 33 -6.22 1.63 -24.10
CA VAL C 33 -6.54 0.87 -22.89
C VAL C 33 -7.93 0.27 -23.01
N TYR C 34 -8.00 -1.05 -23.22
CA TYR C 34 -9.26 -1.68 -23.56
C TYR C 34 -9.56 -2.80 -22.56
N GLY C 35 -10.87 -3.16 -22.53
CA GLY C 35 -11.26 -4.32 -21.77
C GLY C 35 -11.21 -4.28 -20.27
N VAL C 36 -11.22 -5.47 -19.70
CA VAL C 36 -11.37 -5.65 -18.27
C VAL C 36 -10.28 -6.45 -17.64
N ALA C 37 -9.76 -5.95 -16.53
CA ALA C 37 -8.72 -6.64 -15.77
C ALA C 37 -9.24 -7.90 -15.05
N ASP C 38 -10.52 -7.88 -14.68
CA ASP C 38 -11.14 -9.02 -14.02
C ASP C 38 -12.59 -9.10 -14.50
N VAL C 39 -12.88 -10.15 -15.25
CA VAL C 39 -14.18 -10.34 -15.91
C VAL C 39 -15.31 -10.42 -14.85
N ALA C 40 -15.12 -11.33 -13.93
CA ALA C 40 -16.08 -11.63 -12.94
C ALA C 40 -16.44 -10.41 -12.15
N SER C 41 -15.47 -9.57 -11.82
CA SER C 41 -15.77 -8.43 -10.96
C SER C 41 -16.07 -7.18 -11.77
N GLN C 42 -16.01 -7.34 -13.08
CA GLN C 42 -16.17 -6.21 -13.99
C GLN C 42 -15.21 -5.03 -13.75
N LYS C 43 -14.03 -5.27 -13.16
CA LYS C 43 -13.11 -4.15 -12.96
C LYS C 43 -12.44 -3.84 -14.28
N ALA C 44 -12.70 -2.64 -14.78
CA ALA C 44 -12.23 -2.24 -16.10
C ALA C 44 -10.73 -2.04 -16.04
N ASN C 45 -10.04 -2.42 -17.11
CA ASN C 45 -8.62 -2.20 -17.14
C ASN C 45 -8.37 -0.70 -17.10
N THR C 46 -7.45 -0.29 -16.24
CA THR C 46 -7.02 1.10 -16.18
C THR C 46 -5.49 1.18 -16.26
N LEU C 47 -5.02 2.42 -16.25
CA LEU C 47 -3.62 2.77 -16.27
C LEU C 47 -2.85 2.05 -15.18
N ASP C 48 -3.53 1.78 -14.07
CA ASP C 48 -2.89 1.19 -12.87
C ASP C 48 -2.85 -0.35 -12.87
N THR C 49 -3.52 -0.98 -13.83
CA THR C 49 -3.49 -2.44 -13.94
C THR C 49 -2.07 -3.04 -14.05
N VAL C 50 -1.79 -4.06 -13.23
CA VAL C 50 -0.49 -4.70 -13.19
C VAL C 50 -0.49 -5.95 -14.08
N TYR C 51 0.49 -6.03 -14.96
CA TYR C 51 0.65 -7.17 -15.83
C TYR C 51 1.96 -7.88 -15.49
N GLU C 52 2.07 -9.16 -15.89
CA GLU C 52 3.32 -9.91 -15.75
C GLU C 52 4.03 -9.77 -17.10
N LEU C 53 5.33 -9.51 -17.09
CA LEU C 53 6.03 -9.17 -18.32
C LEU C 53 6.45 -10.44 -19.04
N GLY C 54 6.38 -11.57 -18.37
CA GLY C 54 6.95 -12.77 -18.97
C GLY C 54 8.37 -12.51 -19.40
N SER C 55 8.72 -12.90 -20.62
CA SER C 55 10.11 -12.89 -21.05
C SER C 55 10.62 -11.48 -21.31
N MET C 56 9.71 -10.52 -21.26
CA MET C 56 10.11 -9.12 -21.27
C MET C 56 10.82 -8.72 -19.96
N SER C 57 10.80 -9.60 -18.97
CA SER C 57 11.60 -9.43 -17.75
C SER C 57 13.08 -9.51 -18.08
N LYS C 58 13.43 -10.25 -19.13
CA LYS C 58 14.81 -10.62 -19.44
C LYS C 58 15.67 -9.42 -19.80
N ALA C 59 15.05 -8.41 -20.41
CA ALA C 59 15.74 -7.14 -20.58
C ALA C 59 16.08 -6.40 -19.27
N PHE C 60 15.30 -6.61 -18.21
CA PHE C 60 15.67 -6.00 -16.90
C PHE C 60 16.89 -6.70 -16.35
N THR C 61 16.81 -8.02 -16.24
CA THR C 61 17.92 -8.87 -15.83
C THR C 61 19.18 -8.62 -16.64
N GLY C 62 19.01 -8.44 -17.96
CA GLY C 62 20.14 -8.26 -18.83
C GLY C 62 20.83 -6.91 -18.63
N LEU C 63 20.06 -5.81 -18.50
CA LEU C 63 20.64 -4.51 -18.24
C LEU C 63 21.43 -4.54 -16.91
N VAL C 64 20.88 -5.10 -15.84
CA VAL C 64 21.62 -5.24 -14.58
C VAL C 64 22.91 -6.01 -14.73
N VAL C 65 22.88 -7.09 -15.51
CA VAL C 65 24.11 -7.81 -15.76
C VAL C 65 25.10 -6.83 -16.40
N GLN C 66 24.65 -6.07 -17.39
CA GLN C 66 25.53 -5.05 -18.04
C GLN C 66 25.93 -3.87 -17.15
N ILE C 67 25.13 -3.57 -16.13
CA ILE C 67 25.54 -2.55 -15.16
C ILE C 67 26.69 -3.12 -14.34
N LEU C 68 26.58 -4.39 -13.97
CA LEU C 68 27.63 -5.02 -13.17
C LEU C 68 28.94 -5.21 -13.96
N ILE C 69 28.83 -5.47 -15.26
CA ILE C 69 30.00 -5.59 -16.12
C ILE C 69 30.65 -4.21 -16.32
N GLN C 70 29.83 -3.20 -16.56
CA GLN C 70 30.37 -1.86 -16.76
C GLN C 70 31.12 -1.44 -15.48
N GLU C 71 30.65 -1.91 -14.32
CA GLU C 71 31.25 -1.58 -13.05
C GLU C 71 32.47 -2.43 -12.79
N GLY C 72 32.82 -3.28 -13.75
CA GLY C 72 33.90 -4.23 -13.59
C GLY C 72 33.68 -5.32 -12.53
N ARG C 73 32.46 -5.50 -12.02
CA ARG C 73 32.26 -6.55 -11.01
C ARG C 73 31.99 -7.97 -11.54
N LEU C 74 32.02 -8.08 -12.88
CA LEU C 74 31.63 -9.31 -13.53
C LEU C 74 32.08 -9.12 -14.97
N ARG C 75 32.37 -10.23 -15.64
CA ARG C 75 32.65 -10.21 -17.08
C ARG C 75 31.97 -11.35 -17.81
N GLN C 76 31.64 -11.08 -19.06
CA GLN C 76 30.91 -11.98 -19.91
C GLN C 76 31.62 -13.30 -20.03
N GLY C 77 32.94 -13.26 -20.09
CA GLY C 77 33.74 -14.48 -20.26
C GLY C 77 33.96 -15.29 -18.99
N ASP C 78 33.65 -14.73 -17.82
CA ASP C 78 33.83 -15.46 -16.56
C ASP C 78 33.13 -16.80 -16.56
N ASP C 79 33.80 -17.83 -16.02
CA ASP C 79 33.25 -19.18 -15.90
C ASP C 79 32.06 -19.10 -14.95
N ILE C 80 30.99 -19.82 -15.27
CA ILE C 80 29.77 -19.80 -14.43
C ILE C 80 29.98 -20.46 -13.03
N ILE C 81 30.91 -21.41 -12.99
CA ILE C 81 31.18 -22.25 -11.83
C ILE C 81 31.62 -21.44 -10.62
N THR C 82 32.12 -20.24 -10.86
CA THR C 82 32.52 -19.41 -9.75
C THR C 82 31.33 -18.82 -9.04
N TYR C 83 30.29 -18.45 -9.79
CA TYR C 83 29.13 -17.82 -9.16
C TYR C 83 28.09 -18.82 -8.75
N LEU C 84 28.06 -19.94 -9.48
CA LEU C 84 27.13 -21.03 -9.23
C LEU C 84 27.92 -22.33 -9.21
N PRO C 85 28.64 -22.56 -8.12
CA PRO C 85 29.57 -23.67 -8.03
C PRO C 85 28.89 -25.04 -8.17
N GLU C 86 27.74 -25.22 -7.62
CA GLU C 86 27.04 -26.49 -7.58
C GLU C 86 26.54 -26.97 -8.92
N MET C 87 26.60 -26.05 -9.88
CA MET C 87 25.99 -26.39 -11.14
C MET C 87 27.05 -26.93 -12.05
N ARG C 88 26.96 -28.23 -12.23
CA ARG C 88 27.77 -28.95 -13.20
C ARG C 88 26.88 -29.45 -14.34
N LEU C 89 27.24 -29.10 -15.58
CA LEU C 89 26.47 -29.54 -16.73
C LEU C 89 27.34 -30.33 -17.67
N ASN C 90 26.72 -31.29 -18.32
CA ASN C 90 27.42 -32.24 -19.15
C ASN C 90 27.03 -32.18 -20.62
N TYR C 91 28.00 -32.31 -21.48
CA TYR C 91 27.75 -32.43 -22.89
C TYR C 91 28.35 -33.74 -23.35
N GLN C 92 27.50 -34.63 -23.84
CA GLN C 92 27.90 -35.89 -24.50
C GLN C 92 28.37 -36.92 -23.45
N GLY C 93 29.57 -36.76 -22.94
CA GLY C 93 30.04 -37.61 -21.86
C GLY C 93 30.76 -36.86 -20.74
N LYS C 94 31.38 -35.75 -21.12
CA LYS C 94 32.25 -34.95 -20.27
C LYS C 94 31.51 -33.82 -19.59
N PRO C 95 32.09 -33.20 -18.56
CA PRO C 95 31.37 -32.03 -18.05
C PRO C 95 31.72 -30.75 -18.84
N ALA C 96 30.69 -29.95 -19.13
CA ALA C 96 30.87 -28.81 -20.01
C ALA C 96 31.32 -27.54 -19.31
N SER C 97 32.06 -26.71 -20.03
CA SER C 97 32.53 -25.43 -19.54
C SER C 97 31.66 -24.29 -20.09
N LEU C 98 31.07 -23.55 -19.16
CA LEU C 98 30.07 -22.55 -19.43
C LEU C 98 30.41 -21.18 -18.88
N THR C 99 30.07 -20.14 -19.64
CA THR C 99 30.35 -18.76 -19.27
C THR C 99 29.09 -17.95 -19.00
N VAL C 100 29.27 -16.80 -18.35
CA VAL C 100 28.15 -15.87 -18.22
C VAL C 100 27.45 -15.58 -19.56
N ALA C 101 28.28 -15.40 -20.60
CA ALA C 101 27.86 -15.04 -21.93
C ALA C 101 26.90 -16.10 -22.46
N ASP C 102 27.19 -17.37 -22.14
CA ASP C 102 26.35 -18.46 -22.61
C ASP C 102 24.91 -18.34 -22.14
N PHE C 103 24.71 -17.77 -20.96
CA PHE C 103 23.35 -17.46 -20.48
C PHE C 103 22.74 -16.13 -21.02
N LEU C 104 23.53 -15.07 -21.13
CA LEU C 104 23.06 -13.87 -21.80
C LEU C 104 22.47 -14.09 -23.20
N TYR C 105 23.24 -14.77 -24.03
CA TYR C 105 22.96 -15.02 -25.43
C TYR C 105 22.30 -16.34 -25.84
N HIS C 106 21.80 -17.08 -24.85
CA HIS C 106 21.12 -18.34 -25.06
C HIS C 106 21.95 -19.32 -25.87
N THR C 107 23.22 -19.48 -25.51
CA THR C 107 24.03 -20.50 -26.15
C THR C 107 24.53 -21.54 -25.15
N SER C 108 23.75 -21.79 -24.10
CA SER C 108 24.15 -22.73 -23.03
C SER C 108 23.86 -24.19 -23.36
N GLY C 109 22.84 -24.42 -24.15
CA GLY C 109 22.43 -25.78 -24.50
C GLY C 109 21.65 -26.42 -23.38
N LEU C 110 21.23 -25.60 -22.42
CA LEU C 110 20.30 -26.01 -21.39
C LEU C 110 19.07 -26.68 -22.01
N PRO C 111 18.63 -27.73 -21.36
CA PRO C 111 17.50 -28.52 -21.76
C PRO C 111 16.21 -27.73 -21.74
N PHE C 112 15.46 -27.87 -22.83
CA PHE C 112 14.29 -27.08 -23.15
C PHE C 112 13.28 -27.21 -22.04
N SER C 113 13.23 -28.41 -21.46
CA SER C 113 12.31 -28.69 -20.36
C SER C 113 13.04 -28.66 -19.01
N GLU C 134 23.45 -32.87 -15.36
CA GLU C 134 22.43 -32.81 -16.41
C GLU C 134 23.06 -32.70 -17.79
N ASN C 135 22.28 -32.99 -18.83
CA ASN C 135 22.82 -33.08 -20.17
C ASN C 135 22.41 -31.95 -21.11
N LEU C 136 23.43 -31.32 -21.69
CA LEU C 136 23.29 -30.21 -22.64
C LEU C 136 22.92 -30.70 -24.05
N LEU C 137 22.04 -29.96 -24.74
CA LEU C 137 21.72 -30.24 -26.15
C LEU C 137 22.85 -30.00 -27.15
N PHE C 138 23.82 -29.16 -26.81
CA PHE C 138 24.91 -28.87 -27.74
C PHE C 138 26.07 -28.27 -26.97
N ALA C 139 27.24 -28.20 -27.62
CA ALA C 139 28.41 -27.62 -26.96
C ALA C 139 28.12 -26.17 -26.62
N PRO C 140 28.58 -25.70 -25.46
CA PRO C 140 28.26 -24.32 -25.15
C PRO C 140 28.87 -23.40 -26.22
N GLY C 141 28.06 -22.45 -26.68
CA GLY C 141 28.51 -21.47 -27.65
C GLY C 141 28.21 -21.87 -29.06
N ALA C 142 27.67 -23.08 -29.24
CA ALA C 142 27.50 -23.67 -30.59
C ALA C 142 26.30 -23.20 -31.40
N LYS C 143 25.18 -22.97 -30.72
CA LYS C 143 23.96 -22.58 -31.40
C LYS C 143 23.16 -21.62 -30.54
N PHE C 144 22.30 -20.83 -31.17
CA PHE C 144 21.41 -19.98 -30.42
C PHE C 144 20.12 -20.74 -30.24
N SER C 145 19.84 -21.13 -29.00
CA SER C 145 18.61 -21.82 -28.68
C SER C 145 17.96 -21.18 -27.49
N TYR C 146 16.80 -20.63 -27.66
CA TYR C 146 16.16 -19.89 -26.60
C TYR C 146 15.73 -20.79 -25.42
N ALA C 147 16.18 -20.44 -24.22
CA ALA C 147 15.75 -21.19 -23.04
C ALA C 147 15.57 -20.23 -21.89
N SER C 148 14.32 -20.12 -21.51
CA SER C 148 13.95 -19.15 -20.50
C SER C 148 14.73 -19.30 -19.22
N ALA C 149 15.07 -20.53 -18.85
CA ALA C 149 15.91 -20.78 -17.69
C ALA C 149 17.34 -20.22 -17.79
N ASN C 150 17.79 -19.81 -18.99
CA ASN C 150 19.10 -19.14 -19.05
C ASN C 150 19.17 -17.88 -18.18
N TYR C 151 18.11 -17.10 -18.22
CA TYR C 151 18.04 -15.89 -17.41
C TYR C 151 17.91 -16.10 -15.92
N ASP C 152 17.23 -17.18 -15.54
CA ASP C 152 17.11 -17.52 -14.13
C ASP C 152 18.52 -17.74 -13.60
N VAL C 153 19.35 -18.37 -14.41
CA VAL C 153 20.77 -18.49 -14.07
C VAL C 153 21.42 -17.13 -13.79
N LEU C 154 21.14 -16.15 -14.64
CA LEU C 154 21.72 -14.80 -14.46
C LEU C 154 21.15 -14.07 -13.26
N GLY C 155 19.91 -14.36 -12.89
CA GLY C 155 19.37 -13.86 -11.62
C GLY C 155 20.25 -14.31 -10.45
N ALA C 156 20.68 -15.57 -10.50
CA ALA C 156 21.49 -16.15 -9.45
C ALA C 156 22.91 -15.58 -9.51
N VAL C 157 23.48 -15.41 -10.70
CA VAL C 157 24.75 -14.70 -10.81
C VAL C 157 24.61 -13.31 -10.19
N ILE C 158 23.51 -12.64 -10.47
CA ILE C 158 23.33 -11.28 -9.97
C ILE C 158 23.29 -11.26 -8.44
N GLU C 159 22.68 -12.29 -7.85
CA GLU C 159 22.58 -12.41 -6.41
C GLU C 159 23.94 -12.79 -5.83
N ASN C 160 24.62 -13.73 -6.48
CA ASN C 160 25.92 -14.14 -6.00
C ASN C 160 26.95 -13.02 -6.07
N VAL C 161 26.88 -12.17 -7.08
CA VAL C 161 27.78 -11.02 -7.20
C VAL C 161 27.47 -9.92 -6.18
N THR C 162 26.20 -9.62 -5.98
CA THR C 162 25.86 -8.46 -5.17
C THR C 162 25.66 -8.81 -3.68
N GLY C 163 25.44 -10.11 -3.41
CA GLY C 163 25.05 -10.51 -2.07
C GLY C 163 23.67 -9.99 -1.63
N LYS C 164 22.83 -9.58 -2.58
CA LYS C 164 21.46 -9.11 -2.27
C LYS C 164 20.48 -9.97 -3.04
N THR C 165 19.18 -9.84 -2.79
CA THR C 165 18.18 -10.57 -3.55
C THR C 165 17.94 -9.88 -4.90
N PHE C 166 17.48 -10.68 -5.87
CA PHE C 166 17.20 -10.15 -7.19
C PHE C 166 16.34 -8.90 -7.05
N THR C 167 15.30 -8.98 -6.20
CA THR C 167 14.30 -7.92 -6.02
C THR C 167 14.91 -6.58 -5.61
N GLU C 168 15.81 -6.65 -4.63
CA GLU C 168 16.54 -5.49 -4.17
C GLU C 168 17.42 -4.93 -5.29
N VAL C 169 18.19 -5.78 -5.94
CA VAL C 169 19.03 -5.26 -7.01
C VAL C 169 18.24 -4.55 -8.12
N ILE C 170 17.05 -5.06 -8.45
CA ILE C 170 16.21 -4.49 -9.51
C ILE C 170 15.65 -3.15 -9.07
N ALA C 171 15.24 -3.04 -7.80
CA ALA C 171 14.73 -1.77 -7.29
C ALA C 171 15.88 -0.78 -7.16
N GLU C 172 17.00 -1.26 -6.65
CA GLU C 172 18.13 -0.42 -6.32
C GLU C 172 18.78 0.07 -7.61
N ARG C 173 19.19 -0.88 -8.45
CA ARG C 173 19.78 -0.57 -9.76
C ARG C 173 18.90 -0.02 -10.89
N LEU C 174 17.64 -0.42 -10.93
CA LEU C 174 16.81 -0.09 -12.10
C LEU C 174 15.52 0.71 -11.88
N THR C 175 14.65 0.25 -10.99
CA THR C 175 13.31 0.87 -10.86
C THR C 175 13.28 2.18 -10.06
N GLN C 176 14.13 2.32 -9.04
CA GLN C 176 14.12 3.54 -8.27
CA GLN C 176 14.17 3.54 -8.22
C GLN C 176 14.86 4.66 -9.00
N PRO C 177 16.07 4.41 -9.50
CA PRO C 177 16.63 5.52 -10.25
C PRO C 177 15.72 5.98 -11.39
N LEU C 178 15.07 5.03 -12.08
CA LEU C 178 14.23 5.37 -13.25
C LEU C 178 12.88 5.95 -12.89
N GLY C 179 12.43 5.75 -11.64
CA GLY C 179 11.13 6.22 -11.18
C GLY C 179 9.99 5.28 -11.49
N MET C 180 10.28 3.99 -11.60
CA MET C 180 9.23 2.99 -11.81
C MET C 180 8.65 2.50 -10.49
N SER C 181 7.69 3.25 -9.95
CA SER C 181 7.07 2.93 -8.67
C SER C 181 6.29 1.62 -8.63
N ALA C 182 5.54 1.34 -9.70
CA ALA C 182 4.66 0.18 -9.74
C ALA C 182 5.33 -1.09 -10.33
N THR C 183 6.65 -1.09 -10.48
CA THR C 183 7.37 -2.21 -11.10
C THR C 183 8.13 -3.02 -10.07
N VAL C 184 7.98 -4.33 -10.09
CA VAL C 184 8.66 -5.15 -9.11
C VAL C 184 9.04 -6.55 -9.53
N ALA C 185 10.19 -7.00 -9.05
CA ALA C 185 10.56 -8.38 -9.24
C ALA C 185 9.99 -9.04 -8.00
N VAL C 186 9.04 -9.95 -8.20
CA VAL C 186 8.29 -10.50 -7.08
C VAL C 186 9.10 -11.59 -6.43
N LYS C 187 9.16 -11.55 -5.10
CA LYS C 187 9.87 -12.55 -4.31
C LYS C 187 9.01 -13.80 -4.18
N ILE C 191 0.49 -9.89 -1.65
CA ILE C 191 -0.35 -9.76 -2.84
C ILE C 191 -0.19 -8.38 -3.47
N ILE C 192 -0.38 -8.31 -4.78
CA ILE C 192 -0.26 -7.06 -5.52
C ILE C 192 -1.67 -6.69 -5.96
N VAL C 193 -2.27 -5.72 -5.27
CA VAL C 193 -3.53 -5.21 -5.64
C VAL C 193 -3.23 -4.57 -6.98
N ASN C 194 -4.25 -4.34 -7.77
CA ASN C 194 -4.07 -3.69 -9.05
C ASN C 194 -3.44 -4.64 -10.05
N LYS C 195 -3.21 -5.88 -9.66
CA LYS C 195 -2.79 -6.86 -10.63
C LYS C 195 -4.00 -7.35 -11.42
N ALA C 196 -3.83 -7.52 -12.71
CA ALA C 196 -4.85 -8.17 -13.52
C ALA C 196 -4.96 -9.67 -13.28
N SER C 197 -6.16 -10.21 -13.34
CA SER C 197 -6.31 -11.66 -13.30
C SER C 197 -5.74 -12.22 -14.62
N GLY C 198 -5.09 -13.38 -14.54
CA GLY C 198 -4.55 -14.07 -15.72
C GLY C 198 -5.50 -15.12 -16.30
N TYR C 199 -5.79 -15.01 -17.58
CA TYR C 199 -6.68 -15.96 -18.24
C TYR C 199 -5.94 -16.88 -19.18
N LYS C 200 -6.49 -18.08 -19.34
CA LYS C 200 -5.97 -19.06 -20.28
C LYS C 200 -7.15 -19.53 -21.12
N LEU C 201 -6.89 -19.89 -22.37
CA LEU C 201 -7.96 -20.20 -23.31
C LEU C 201 -7.99 -21.55 -24.00
N GLY C 202 -9.12 -22.24 -23.91
CA GLY C 202 -9.34 -23.42 -24.71
C GLY C 202 -10.14 -23.01 -25.92
N PHE C 203 -11.39 -23.44 -25.98
CA PHE C 203 -12.34 -22.92 -26.95
C PHE C 203 -12.99 -21.72 -26.28
N GLY C 204 -12.57 -21.50 -25.03
CA GLY C 204 -13.16 -20.53 -24.14
C GLY C 204 -12.17 -20.23 -23.04
N LYS C 205 -12.38 -19.16 -22.29
CA LYS C 205 -11.40 -18.77 -21.26
C LYS C 205 -11.80 -18.78 -19.79
N PRO C 206 -11.15 -19.65 -19.04
CA PRO C 206 -11.26 -19.65 -17.58
C PRO C 206 -10.09 -18.96 -16.87
N VAL C 207 -10.22 -18.73 -15.56
CA VAL C 207 -9.12 -18.17 -14.76
C VAL C 207 -8.03 -19.23 -14.56
N LEU C 208 -6.89 -18.85 -13.97
CA LEU C 208 -5.86 -19.83 -13.63
C LEU C 208 -5.10 -19.50 -12.33
N ASN C 216 12.12 -18.33 -7.91
CA ASN C 216 13.13 -18.99 -8.73
C ASN C 216 13.15 -18.53 -10.19
N HIS C 217 11.96 -18.38 -10.78
CA HIS C 217 11.79 -18.08 -12.21
C HIS C 217 11.47 -16.60 -12.48
N VAL C 218 11.70 -15.76 -11.46
CA VAL C 218 11.38 -14.33 -11.58
C VAL C 218 12.25 -13.55 -12.59
N PRO C 219 13.58 -13.80 -12.64
CA PRO C 219 14.42 -13.01 -13.56
C PRO C 219 14.12 -13.27 -15.03
N ALA C 220 13.58 -14.46 -15.32
CA ALA C 220 13.28 -14.87 -16.69
C ALA C 220 11.88 -14.52 -17.13
N ALA C 221 10.95 -14.46 -16.19
CA ALA C 221 9.56 -14.30 -16.52
C ALA C 221 8.59 -13.58 -15.60
N TYR C 222 9.04 -13.11 -14.45
CA TYR C 222 8.06 -12.61 -13.51
C TYR C 222 8.12 -11.18 -12.98
N ILE C 223 8.77 -10.29 -13.73
CA ILE C 223 8.71 -8.88 -13.40
C ILE C 223 7.27 -8.44 -13.67
N HIS C 224 6.72 -7.63 -12.78
CA HIS C 224 5.35 -7.16 -12.93
C HIS C 224 5.36 -5.67 -13.07
N SER C 225 4.65 -5.16 -14.08
CA SER C 225 4.75 -3.73 -14.35
C SER C 225 3.40 -3.19 -14.81
N THR C 226 3.33 -1.88 -15.03
CA THR C 226 2.13 -1.19 -15.55
C THR C 226 2.50 -0.53 -16.88
N LEU C 227 1.49 -0.12 -17.63
CA LEU C 227 1.73 0.59 -18.91
C LEU C 227 2.53 1.88 -18.73
N PRO C 228 2.14 2.76 -17.80
CA PRO C 228 2.97 3.95 -17.52
C PRO C 228 4.43 3.69 -17.11
N ASP C 229 4.71 2.68 -16.28
CA ASP C 229 6.11 2.32 -15.99
C ASP C 229 6.86 1.77 -17.20
N MET C 230 6.17 1.03 -18.06
CA MET C 230 6.77 0.47 -19.27
C MET C 230 7.09 1.57 -20.26
N GLU C 231 6.31 2.64 -20.20
CA GLU C 231 6.52 3.82 -21.03
C GLU C 231 7.81 4.52 -20.57
N ILE C 232 8.06 4.52 -19.27
CA ILE C 232 9.22 5.18 -18.73
C ILE C 232 10.42 4.37 -19.17
N TRP C 233 10.27 3.06 -19.10
CA TRP C 233 11.37 2.13 -19.43
C TRP C 233 11.78 2.37 -20.89
N ILE C 234 10.76 2.49 -21.73
CA ILE C 234 10.90 2.83 -23.14
C ILE C 234 11.60 4.18 -23.33
N ASP C 235 11.17 5.22 -22.61
CA ASP C 235 11.83 6.52 -22.69
C ASP C 235 13.31 6.53 -22.26
N ALA C 236 13.64 5.72 -21.25
CA ALA C 236 15.01 5.61 -20.82
C ALA C 236 15.87 4.91 -21.90
N TRP C 237 15.31 3.93 -22.59
CA TRP C 237 16.08 3.30 -23.66
C TRP C 237 16.21 4.28 -24.82
N LEU C 238 15.13 5.02 -25.11
CA LEU C 238 15.13 6.02 -26.19
C LEU C 238 16.03 7.25 -25.97
N HIS C 239 16.21 7.65 -24.71
CA HIS C 239 17.01 8.83 -24.38
C HIS C 239 18.26 8.48 -23.60
N ARG C 240 18.73 7.27 -23.85
CA ARG C 240 19.79 6.60 -23.11
C ARG C 240 21.12 7.26 -23.28
N LYS C 241 21.16 8.36 -24.03
CA LYS C 241 22.36 9.17 -24.14
C LYS C 241 22.29 10.42 -23.28
N ALA C 242 21.24 10.52 -22.46
CA ALA C 242 21.11 11.63 -21.53
C ALA C 242 21.09 11.16 -20.07
N LEU C 243 21.33 9.87 -19.86
CA LEU C 243 21.39 9.33 -18.49
C LEU C 243 22.81 9.36 -17.90
N PRO C 244 22.97 8.94 -16.62
CA PRO C 244 24.28 8.73 -16.00
C PRO C 244 25.14 7.70 -16.74
N ALA C 245 26.43 7.95 -16.77
CA ALA C 245 27.33 7.21 -17.64
C ALA C 245 27.28 5.70 -17.49
N THR C 246 27.21 5.21 -16.24
CA THR C 246 27.26 3.78 -16.00
C THR C 246 26.05 3.10 -16.68
N LEU C 247 24.89 3.71 -16.51
CA LEU C 247 23.62 3.23 -17.06
C LEU C 247 23.59 3.36 -18.58
N ARG C 248 23.90 4.56 -19.07
CA ARG C 248 24.03 4.81 -20.49
C ARG C 248 24.91 3.74 -21.16
N GLU C 249 26.13 3.55 -20.66
CA GLU C 249 27.04 2.56 -21.24
C GLU C 249 26.49 1.13 -21.11
N ALA C 250 25.83 0.83 -19.99
CA ALA C 250 25.27 -0.50 -19.86
C ALA C 250 24.20 -0.76 -20.93
N MET C 251 23.40 0.25 -21.21
CA MET C 251 22.40 0.16 -22.26
C MET C 251 22.96 -0.08 -23.68
N SER C 252 24.06 0.57 -24.06
CA SER C 252 24.65 0.38 -25.39
C SER C 252 25.12 -1.06 -25.50
N ASN C 253 25.80 -1.50 -24.45
CA ASN C 253 26.29 -2.84 -24.38
C ASN C 253 25.14 -3.83 -24.38
N SER C 254 23.96 -3.44 -23.88
CA SER C 254 22.83 -4.34 -23.82
C SER C 254 22.24 -4.63 -25.21
N TRP C 255 22.42 -3.69 -26.14
CA TRP C 255 21.92 -3.85 -27.51
C TRP C 255 22.91 -4.42 -28.49
N ARG C 256 24.08 -4.83 -28.01
CA ARG C 256 25.04 -5.51 -28.87
C ARG C 256 24.63 -6.98 -29.02
N GLY C 257 24.19 -7.37 -30.21
CA GLY C 257 23.78 -8.74 -30.42
C GLY C 257 24.96 -9.68 -30.50
N ASN C 258 24.74 -10.94 -30.16
CA ASN C 258 25.81 -11.97 -30.29
C ASN C 258 25.86 -12.57 -31.70
N SER C 259 26.88 -12.21 -32.47
CA SER C 259 27.01 -12.63 -33.86
C SER C 259 27.70 -13.97 -33.98
N ASP C 260 28.32 -14.45 -32.90
CA ASP C 260 29.09 -15.70 -32.98
C ASP C 260 28.27 -16.97 -32.89
N VAL C 261 27.11 -17.05 -33.54
CA VAL C 261 26.29 -18.26 -33.63
C VAL C 261 25.84 -18.45 -35.09
N PRO C 262 25.58 -19.70 -35.49
CA PRO C 262 24.95 -20.02 -36.76
C PRO C 262 23.58 -19.36 -36.90
N LEU C 263 23.32 -18.88 -38.12
CA LEU C 263 22.10 -18.17 -38.47
C LEU C 263 21.37 -19.01 -39.49
N ALA C 264 20.04 -18.95 -39.47
CA ALA C 264 19.23 -19.72 -40.41
C ALA C 264 19.09 -18.87 -41.68
N ALA C 265 18.72 -19.50 -42.78
CA ALA C 265 18.57 -18.85 -44.09
C ALA C 265 17.55 -17.70 -44.08
N ASP C 266 16.55 -17.81 -43.25
CA ASP C 266 15.46 -16.89 -43.16
C ASP C 266 15.45 -16.02 -41.89
N ASN C 267 16.45 -16.19 -41.06
CA ASN C 267 16.60 -15.42 -39.85
C ASN C 267 18.03 -15.17 -39.46
N ARG C 268 18.52 -13.99 -39.74
CA ARG C 268 19.86 -13.58 -39.36
C ARG C 268 19.89 -12.64 -38.15
N ILE C 269 18.79 -12.50 -37.49
CA ILE C 269 18.63 -11.72 -36.27
C ILE C 269 19.51 -12.25 -35.12
N LEU C 270 20.04 -11.34 -34.30
CA LEU C 270 20.88 -11.69 -33.17
C LEU C 270 20.17 -11.49 -31.85
N TYR C 271 20.62 -12.21 -30.84
CA TYR C 271 20.13 -11.96 -29.47
C TYR C 271 21.16 -11.14 -28.71
N ALA C 272 20.74 -10.07 -28.00
CA ALA C 272 21.66 -9.24 -27.22
C ALA C 272 21.19 -9.44 -25.76
N SER C 273 21.37 -8.50 -24.87
CA SER C 273 21.05 -8.81 -23.50
C SER C 273 19.59 -8.69 -23.13
N GLY C 274 18.82 -9.67 -23.59
CA GLY C 274 17.39 -9.70 -23.35
C GLY C 274 16.58 -8.99 -24.41
N TRP C 275 17.16 -8.88 -25.61
CA TRP C 275 16.47 -8.18 -26.69
C TRP C 275 16.84 -8.93 -27.99
N PHE C 276 15.95 -8.96 -28.96
CA PHE C 276 16.32 -9.45 -30.32
C PHE C 276 16.74 -8.20 -31.08
N ILE C 277 17.78 -8.32 -31.90
CA ILE C 277 18.31 -7.17 -32.66
C ILE C 277 18.24 -7.42 -34.14
N ASP C 278 17.50 -6.58 -34.85
CA ASP C 278 17.26 -6.77 -36.27
C ASP C 278 17.64 -5.48 -37.02
N GLN C 279 18.51 -5.61 -38.02
CA GLN C 279 18.99 -4.43 -38.76
C GLN C 279 18.08 -4.10 -39.93
N ASN C 280 17.23 -5.04 -40.33
CA ASN C 280 16.32 -4.85 -41.49
C ASN C 280 15.26 -3.80 -41.18
N GLN C 281 15.21 -2.74 -42.00
CA GLN C 281 14.37 -1.57 -41.71
C GLN C 281 14.53 -1.18 -40.26
N GLY C 282 15.81 -1.21 -39.81
CA GLY C 282 16.09 -1.02 -38.40
C GLY C 282 17.16 -0.01 -38.12
N PRO C 283 17.79 -0.05 -36.94
CA PRO C 283 17.67 -1.07 -35.90
C PRO C 283 16.27 -1.24 -35.31
N TYR C 284 15.82 -2.48 -35.28
CA TYR C 284 14.53 -2.78 -34.70
C TYR C 284 14.87 -3.68 -33.53
N ILE C 285 14.54 -3.23 -32.33
CA ILE C 285 14.91 -3.94 -31.12
C ILE C 285 13.62 -4.38 -30.46
N SER C 286 13.54 -5.66 -30.11
CA SER C 286 12.25 -6.19 -29.69
C SER C 286 12.36 -7.42 -28.78
N HIS C 287 11.24 -7.78 -28.13
CA HIS C 287 11.12 -9.04 -27.38
C HIS C 287 9.63 -9.26 -27.11
N GLY C 288 9.21 -10.51 -27.11
CA GLY C 288 7.88 -10.86 -26.64
C GLY C 288 7.92 -11.36 -25.21
N GLY C 289 6.74 -11.40 -24.58
CA GLY C 289 6.54 -12.04 -23.29
C GLY C 289 5.39 -13.01 -23.35
N GLN C 290 5.60 -14.24 -22.92
CA GLN C 290 4.56 -15.27 -23.02
C GLN C 290 4.36 -16.15 -21.76
N ASN C 291 3.65 -15.65 -20.76
CA ASN C 291 3.37 -16.50 -19.60
C ASN C 291 2.12 -17.31 -19.85
N PRO C 292 1.86 -18.34 -19.02
CA PRO C 292 0.65 -19.18 -19.10
C PRO C 292 -0.66 -18.41 -19.23
N ASN C 293 -0.76 -17.28 -18.54
CA ASN C 293 -1.95 -16.43 -18.51
C ASN C 293 -1.73 -14.95 -18.78
N PHE C 294 -0.59 -14.62 -19.38
CA PHE C 294 -0.27 -13.25 -19.75
C PHE C 294 0.56 -13.23 -21.02
N SER C 295 0.42 -12.15 -21.82
CA SER C 295 1.34 -12.07 -22.93
C SER C 295 1.60 -10.62 -23.22
N SER C 296 2.65 -10.35 -23.99
CA SER C 296 3.10 -8.97 -24.10
C SER C 296 4.14 -8.86 -25.22
N CYS C 297 4.39 -7.64 -25.66
CA CYS C 297 5.44 -7.38 -26.66
C CYS C 297 5.94 -5.97 -26.48
N ILE C 298 7.20 -5.74 -26.85
CA ILE C 298 7.77 -4.41 -26.88
C ILE C 298 8.71 -4.28 -28.08
N ALA C 299 8.74 -3.12 -28.72
CA ALA C 299 9.61 -2.87 -29.86
C ALA C 299 10.00 -1.40 -29.91
N LEU C 300 11.26 -1.14 -30.23
CA LEU C 300 11.83 0.21 -30.33
C LEU C 300 12.58 0.33 -31.64
N ARG C 301 12.32 1.40 -32.37
CA ARG C 301 13.08 1.74 -33.56
C ARG C 301 13.64 3.13 -33.19
N PRO C 302 14.77 3.15 -32.45
CA PRO C 302 15.29 4.38 -31.87
C PRO C 302 15.63 5.52 -32.85
N ASP C 303 15.97 5.22 -34.10
CA ASP C 303 16.28 6.23 -35.12
C ASP C 303 15.06 7.13 -35.49
N GLN C 304 13.85 6.69 -35.20
CA GLN C 304 12.76 7.64 -35.42
C GLN C 304 12.08 7.78 -34.07
N GLN C 305 12.79 7.43 -33.00
CA GLN C 305 12.25 7.58 -31.66
C GLN C 305 10.88 6.87 -31.51
N ILE C 306 10.82 5.63 -31.98
CA ILE C 306 9.63 4.80 -31.92
C ILE C 306 9.74 3.80 -30.78
N GLY C 307 8.75 3.78 -29.90
CA GLY C 307 8.64 2.76 -28.87
C GLY C 307 7.21 2.30 -28.78
N ILE C 308 7.05 0.98 -28.80
CA ILE C 308 5.73 0.37 -28.80
C ILE C 308 5.75 -0.66 -27.68
N VAL C 309 4.71 -0.67 -26.83
CA VAL C 309 4.59 -1.79 -25.87
C VAL C 309 3.14 -2.29 -25.74
N ALA C 310 2.90 -3.59 -25.71
CA ALA C 310 1.53 -4.09 -25.54
C ALA C 310 1.53 -5.05 -24.35
N LEU C 311 0.54 -4.90 -23.49
CA LEU C 311 0.38 -5.78 -22.33
C LEU C 311 -0.98 -6.47 -22.36
N ALA C 312 -1.02 -7.79 -22.40
CA ALA C 312 -2.32 -8.45 -22.28
C ALA C 312 -2.45 -9.49 -21.14
N ASN C 313 -3.65 -9.70 -20.66
CA ASN C 313 -3.87 -10.56 -19.51
C ASN C 313 -4.21 -11.98 -19.91
N MET C 314 -3.79 -12.37 -21.11
CA MET C 314 -3.95 -13.72 -21.59
C MET C 314 -2.86 -14.07 -22.59
N ASN C 315 -2.48 -15.33 -22.60
CA ASN C 315 -1.48 -15.79 -23.52
C ASN C 315 -2.07 -15.90 -24.92
N SER C 316 -1.60 -15.06 -25.85
CA SER C 316 -2.06 -15.12 -27.24
C SER C 316 -0.91 -14.80 -28.18
N ASN C 317 -0.70 -15.66 -29.15
CA ASN C 317 0.29 -15.45 -30.21
C ASN C 317 0.10 -14.15 -30.98
N LEU C 318 -1.10 -13.59 -30.94
CA LEU C 318 -1.43 -12.37 -31.68
C LEU C 318 -0.93 -11.12 -30.97
N ILE C 319 -0.81 -11.22 -29.64
CA ILE C 319 -0.27 -10.11 -28.90
C ILE C 319 1.22 -10.02 -29.24
N LEU C 320 1.88 -11.16 -29.39
CA LEU C 320 3.29 -11.15 -29.82
C LEU C 320 3.57 -10.44 -31.16
N GLN C 321 2.57 -10.36 -32.03
CA GLN C 321 2.82 -9.83 -33.37
C GLN C 321 2.29 -8.40 -33.40
N LEU C 322 1.65 -8.01 -32.29
CA LEU C 322 0.95 -6.72 -32.25
C LEU C 322 1.91 -5.53 -32.46
N CYS C 323 3.06 -5.60 -31.78
CA CYS C 323 4.12 -4.59 -31.91
C CYS C 323 4.57 -4.38 -33.36
N ALA C 324 4.83 -5.48 -34.07
CA ALA C 324 5.18 -5.45 -35.48
C ALA C 324 4.09 -4.94 -36.42
N ASP C 325 2.81 -5.23 -36.11
CA ASP C 325 1.68 -4.60 -36.81
C ASP C 325 1.72 -3.08 -36.71
N ILE C 326 1.85 -2.60 -35.47
CA ILE C 326 1.88 -1.19 -35.14
C ILE C 326 3.11 -0.55 -35.80
N ASP C 327 4.25 -1.24 -35.79
CA ASP C 327 5.41 -0.69 -36.45
C ASP C 327 5.16 -0.55 -37.95
N ASN C 328 4.48 -1.53 -38.55
CA ASN C 328 4.22 -1.47 -39.99
C ASN C 328 3.34 -0.26 -40.25
N TYR C 329 2.38 -0.02 -39.36
CA TYR C 329 1.43 1.07 -39.55
C TYR C 329 2.20 2.38 -39.53
N LEU C 330 3.12 2.49 -38.58
CA LEU C 330 4.00 3.65 -38.47
C LEU C 330 4.93 3.83 -39.69
N ARG C 331 5.56 2.76 -40.13
CA ARG C 331 6.55 2.81 -41.18
C ARG C 331 5.90 3.11 -42.55
N ILE C 332 4.82 2.40 -42.90
CA ILE C 332 4.21 2.47 -44.23
C ILE C 332 2.68 2.69 -44.27
N GLY C 333 2.03 2.88 -43.15
CA GLY C 333 0.61 3.27 -43.15
C GLY C 333 -0.31 2.10 -43.41
N LYS C 334 0.26 0.90 -43.47
CA LYS C 334 -0.51 -0.34 -43.68
C LYS C 334 -0.01 -1.45 -42.78
N TYR C 335 -0.85 -2.45 -42.58
CA TYR C 335 -0.49 -3.63 -41.84
C TYR C 335 -1.19 -4.87 -42.44
P PO4 D . -28.26 -20.74 19.61
O1 PO4 D . -29.06 -20.87 18.37
O2 PO4 D . -28.13 -19.26 19.90
O3 PO4 D . -26.92 -21.45 19.35
O4 PO4 D . -28.92 -21.40 20.81
B03 0NG E . 13.39 25.43 6.08
O04 0NG E . 12.89 24.80 4.85
O05 0NG E . 14.84 25.35 6.12
C06 0NG E . 12.95 26.94 6.07
N07 0NG E . 12.09 27.49 7.16
S08 0NG E . 11.27 28.98 6.58
O09 0NG E . 10.70 28.69 5.18
O10 0NG E . 10.14 29.47 7.51
C11 0NG E . 12.49 30.33 6.43
CL1 0NG E . 13.14 30.73 8.01
P PO4 F . 12.22 35.80 13.86
O1 PO4 F . 10.75 36.08 13.76
O2 PO4 F . 12.44 34.82 15.00
O3 PO4 F . 12.65 35.25 12.53
O4 PO4 F . 12.99 37.10 14.13
B03 0NG G . 9.57 -15.97 -22.58
O04 0NG G . 8.25 -15.69 -22.00
O05 0NG G . 9.95 -17.31 -22.19
C06 0NG G . 9.43 -15.87 -24.16
N07 0NG G . 10.28 -14.91 -24.93
S08 0NG G . 9.54 -14.41 -26.56
O09 0NG G . 8.08 -14.08 -26.26
O10 0NG G . 10.20 -13.21 -27.23
C11 0NG G . 9.60 -15.81 -27.75
CL1 0NG G . 11.24 -16.37 -28.18
P PO4 H . 16.83 -15.36 -33.44
O1 PO4 H . 15.56 -15.89 -32.81
O2 PO4 H . 16.54 -14.10 -34.19
O3 PO4 H . 17.41 -16.40 -34.39
O4 PO4 H . 17.87 -15.03 -32.40
#